data_2CGK
#
_entry.id   2CGK
#
_cell.length_a   52.259
_cell.length_b   164.933
_cell.length_c   51.570
_cell.angle_alpha   90.00
_cell.angle_beta   93.45
_cell.angle_gamma   90.00
#
_symmetry.space_group_name_H-M   'P 1 21 1'
#
loop_
_entity.id
_entity.type
_entity.pdbx_description
1 polymer 'L-RHAMNULOSE KINASE'
2 water water
#
_entity_poly.entity_id   1
_entity_poly.type   'polypeptide(L)'
_entity_poly.pdbx_seq_one_letter_code
;MTFRNCVAVDLGASSGRVMLARYERECRSLTLREIHRFNNGLHSQNGYVTWDVDSLESAIRLGLNKVCAAGIAIDSIGID
TWGVDFVLLDQQGQRVGLPVAYRDSRTNGLMAQAQQQLGKRDIYQRSGIQFLPFNTLYQLRALTEQQPELIPHIAHALLM
PDYFSYRLTGKMNWEYTNATTTQLVNINSDDWDESLLAWSGANKAWFGRPTHPGNVIGHWICPQGNEIPVVAVASHDTAS
AVIASPLNGSRAAYLSSGTWSLMGFESQTPFTNDTALAANITNEGGAEGRYRVLKNIMGLWLLQRVLQERQINDLPALIA
ATQALPACRFIINPNDDRFINPDEMCSEIQAACREMAQPIPESDAELARCIFDSLALLYADVLHELAQLRGEDFSQLHIV
GGGCQNTLLNQLCADACGIRVIAGPVEASTLGNIGIQLMTLDELNNVDDFRQVVSTTANLTTFTPNPDSEIAHYVALIHS
TRQTKELCA
;
_entity_poly.pdbx_strand_id   A,B
#
# COMPACT_ATOMS: atom_id res chain seq x y z
N THR A 2 -41.20 -20.09 0.18
CA THR A 2 -40.24 -21.01 -0.52
C THR A 2 -39.56 -20.26 -1.68
N PHE A 3 -39.12 -19.04 -1.41
CA PHE A 3 -38.46 -18.25 -2.44
C PHE A 3 -37.18 -17.58 -1.93
N ARG A 4 -36.30 -17.25 -2.87
CA ARG A 4 -35.05 -16.60 -2.54
C ARG A 4 -34.94 -15.35 -3.38
N ASN A 5 -34.46 -14.27 -2.77
CA ASN A 5 -34.26 -13.02 -3.49
C ASN A 5 -32.77 -12.74 -3.58
N CYS A 6 -32.29 -12.51 -4.79
CA CYS A 6 -30.88 -12.24 -4.97
C CYS A 6 -30.66 -10.92 -5.66
N VAL A 7 -29.65 -10.19 -5.21
CA VAL A 7 -29.33 -8.93 -5.80
C VAL A 7 -28.10 -9.03 -6.69
N ALA A 8 -28.24 -8.54 -7.91
CA ALA A 8 -27.13 -8.56 -8.85
C ALA A 8 -26.69 -7.13 -9.14
N VAL A 9 -25.41 -6.88 -8.93
CA VAL A 9 -24.85 -5.58 -9.23
C VAL A 9 -24.12 -5.74 -10.56
N ASP A 10 -24.75 -5.27 -11.62
CA ASP A 10 -24.19 -5.36 -12.96
C ASP A 10 -23.69 -4.00 -13.39
N LEU A 11 -22.38 -3.90 -13.61
CA LEU A 11 -21.78 -2.65 -14.02
C LEU A 11 -21.16 -2.75 -15.39
N GLY A 12 -21.46 -1.76 -16.22
CA GLY A 12 -20.89 -1.70 -17.56
C GLY A 12 -20.10 -0.41 -17.63
N ALA A 13 -19.39 -0.21 -18.74
CA ALA A 13 -18.58 0.99 -18.96
C ALA A 13 -19.42 2.26 -19.11
N SER A 14 -20.68 2.11 -19.50
CA SER A 14 -21.56 3.26 -19.69
C SER A 14 -22.67 3.39 -18.65
N SER A 15 -22.92 2.31 -17.92
CA SER A 15 -23.98 2.35 -16.91
C SER A 15 -23.81 1.25 -15.88
N GLY A 16 -24.56 1.36 -14.80
CA GLY A 16 -24.52 0.35 -13.74
C GLY A 16 -25.95 0.04 -13.34
N ARG A 17 -26.18 -1.15 -12.79
CA ARG A 17 -27.54 -1.51 -12.37
C ARG A 17 -27.57 -2.33 -11.10
N VAL A 18 -28.64 -2.15 -10.32
CA VAL A 18 -28.84 -2.92 -9.11
C VAL A 18 -30.13 -3.69 -9.43
N MET A 19 -29.98 -4.97 -9.78
CA MET A 19 -31.12 -5.82 -10.13
C MET A 19 -31.47 -6.77 -8.98
N LEU A 20 -32.76 -7.03 -8.82
CA LEU A 20 -33.26 -7.91 -7.78
C LEU A 20 -33.97 -9.06 -8.48
N ALA A 21 -33.54 -10.29 -8.22
CA ALA A 21 -34.17 -11.44 -8.85
C ALA A 21 -34.91 -12.28 -7.83
N ARG A 22 -36.02 -12.87 -8.24
CA ARG A 22 -36.79 -13.71 -7.35
C ARG A 22 -36.88 -15.15 -7.89
N TYR A 23 -36.29 -16.09 -7.17
CA TYR A 23 -36.32 -17.47 -7.58
C TYR A 23 -37.33 -18.26 -6.78
N GLU A 24 -38.29 -18.83 -7.51
CA GLU A 24 -39.34 -19.63 -6.92
C GLU A 24 -38.90 -21.06 -7.23
N ARG A 25 -38.36 -21.75 -6.24
CA ARG A 25 -37.89 -23.12 -6.44
C ARG A 25 -39.04 -24.04 -6.85
N GLU A 26 -40.20 -23.78 -6.28
CA GLU A 26 -41.38 -24.56 -6.56
C GLU A 26 -41.69 -24.63 -8.04
N CYS A 27 -41.99 -23.46 -8.61
CA CYS A 27 -42.34 -23.33 -10.01
C CYS A 27 -41.14 -23.37 -10.92
N ARG A 28 -39.94 -23.36 -10.35
CA ARG A 28 -38.76 -23.41 -11.19
C ARG A 28 -38.70 -22.07 -11.94
N SER A 29 -39.33 -21.05 -11.36
CA SER A 29 -39.38 -19.72 -11.98
C SER A 29 -38.43 -18.66 -11.43
N LEU A 30 -37.88 -17.88 -12.35
CA LEU A 30 -36.93 -16.82 -12.03
C LEU A 30 -37.40 -15.51 -12.69
N THR A 31 -37.54 -14.45 -11.90
CA THR A 31 -37.97 -13.15 -12.45
C THR A 31 -37.01 -12.01 -12.08
N LEU A 32 -36.79 -11.10 -13.02
CA LEU A 32 -35.90 -9.96 -12.80
C LEU A 32 -36.69 -8.69 -12.49
N ARG A 33 -36.00 -7.66 -12.05
CA ARG A 33 -36.65 -6.41 -11.69
C ARG A 33 -35.62 -5.32 -11.35
N GLU A 34 -35.49 -4.31 -12.20
CA GLU A 34 -34.54 -3.23 -11.95
C GLU A 34 -34.91 -2.42 -10.73
N ILE A 35 -33.95 -2.26 -9.81
CA ILE A 35 -34.19 -1.52 -8.59
C ILE A 35 -33.64 -0.10 -8.65
N HIS A 36 -32.49 0.05 -9.30
CA HIS A 36 -31.83 1.34 -9.41
C HIS A 36 -30.84 1.37 -10.56
N ARG A 37 -30.85 2.46 -11.32
CA ARG A 37 -29.92 2.62 -12.43
C ARG A 37 -29.06 3.84 -12.13
N PHE A 38 -27.87 3.87 -12.74
CA PHE A 38 -26.97 5.00 -12.58
C PHE A 38 -26.01 5.04 -13.77
N ASN A 39 -25.43 6.21 -14.00
CA ASN A 39 -24.50 6.41 -15.10
C ASN A 39 -23.10 6.04 -14.70
N ASN A 40 -22.32 5.56 -15.65
CA ASN A 40 -20.92 5.24 -15.39
C ASN A 40 -20.26 5.92 -16.56
N GLY A 41 -19.00 6.25 -16.41
CA GLY A 41 -18.31 6.88 -17.49
C GLY A 41 -16.89 7.20 -17.15
N LEU A 42 -16.07 7.30 -18.19
CA LEU A 42 -14.68 7.63 -18.02
C LEU A 42 -14.62 9.10 -17.65
N HIS A 43 -13.66 9.43 -16.81
CA HIS A 43 -13.44 10.80 -16.39
C HIS A 43 -11.98 11.09 -16.74
N SER A 44 -11.63 12.37 -16.79
CA SER A 44 -10.25 12.75 -17.10
C SER A 44 -9.68 13.60 -15.98
N GLN A 45 -9.23 12.92 -14.92
CA GLN A 45 -8.67 13.58 -13.74
C GLN A 45 -7.25 14.11 -13.95
N ASN A 46 -7.09 14.97 -14.96
CA ASN A 46 -5.81 15.60 -15.27
C ASN A 46 -4.79 14.72 -15.99
N GLY A 47 -5.03 14.49 -17.27
CA GLY A 47 -4.14 13.67 -18.06
C GLY A 47 -4.47 12.19 -17.94
N TYR A 48 -5.17 11.83 -16.88
CA TYR A 48 -5.55 10.45 -16.63
C TYR A 48 -7.01 10.17 -16.95
N VAL A 49 -7.29 8.98 -17.48
CA VAL A 49 -8.68 8.59 -17.76
C VAL A 49 -9.00 7.71 -16.58
N THR A 50 -10.08 8.03 -15.86
CA THR A 50 -10.38 7.27 -14.66
C THR A 50 -11.85 6.91 -14.43
N TRP A 51 -12.10 6.00 -13.49
CA TRP A 51 -13.46 5.61 -13.13
C TRP A 51 -13.77 6.24 -11.78
N ASP A 52 -14.95 6.83 -11.65
CA ASP A 52 -15.36 7.43 -10.38
C ASP A 52 -15.84 6.29 -9.47
N VAL A 53 -14.92 5.44 -9.03
CA VAL A 53 -15.28 4.31 -8.17
C VAL A 53 -16.13 4.73 -6.97
N ASP A 54 -15.77 5.85 -6.34
CA ASP A 54 -16.51 6.33 -5.19
C ASP A 54 -17.96 6.68 -5.51
N SER A 55 -18.23 7.19 -6.71
CA SER A 55 -19.63 7.49 -7.06
C SER A 55 -20.36 6.16 -7.31
N LEU A 56 -19.64 5.20 -7.89
CA LEU A 56 -20.22 3.88 -8.12
C LEU A 56 -20.51 3.19 -6.79
N GLU A 57 -19.60 3.32 -5.81
CA GLU A 57 -19.84 2.71 -4.50
C GLU A 57 -21.12 3.30 -3.87
N SER A 58 -21.36 4.60 -4.08
CA SER A 58 -22.56 5.26 -3.57
C SER A 58 -23.81 4.67 -4.21
N ALA A 59 -23.80 4.65 -5.54
CA ALA A 59 -24.93 4.14 -6.33
C ALA A 59 -25.26 2.69 -5.97
N ILE A 60 -24.24 1.88 -5.74
CA ILE A 60 -24.50 0.50 -5.37
C ILE A 60 -25.17 0.47 -4.00
N ARG A 61 -24.59 1.20 -3.05
CA ARG A 61 -25.14 1.25 -1.71
C ARG A 61 -26.58 1.78 -1.73
N LEU A 62 -26.82 2.79 -2.55
CA LEU A 62 -28.15 3.36 -2.67
C LEU A 62 -29.17 2.29 -3.08
N GLY A 63 -28.80 1.46 -4.05
CA GLY A 63 -29.68 0.41 -4.50
C GLY A 63 -29.79 -0.76 -3.54
N LEU A 64 -28.69 -1.08 -2.87
CA LEU A 64 -28.72 -2.17 -1.92
C LEU A 64 -29.71 -1.76 -0.85
N ASN A 65 -29.59 -0.50 -0.44
CA ASN A 65 -30.43 0.09 0.58
C ASN A 65 -31.87 0.31 0.11
N LYS A 66 -32.06 0.68 -1.16
CA LYS A 66 -33.41 0.90 -1.64
C LYS A 66 -34.18 -0.42 -1.54
N VAL A 67 -33.48 -1.53 -1.63
CA VAL A 67 -34.14 -2.83 -1.53
C VAL A 67 -34.53 -3.12 -0.07
N CYS A 68 -33.59 -2.91 0.85
CA CYS A 68 -33.88 -3.15 2.26
C CYS A 68 -34.99 -2.28 2.82
N ALA A 69 -35.07 -1.04 2.34
CA ALA A 69 -36.10 -0.12 2.81
C ALA A 69 -37.46 -0.58 2.31
N ALA A 70 -37.45 -1.36 1.24
CA ALA A 70 -38.68 -1.91 0.66
C ALA A 70 -39.08 -3.21 1.35
N GLY A 71 -38.58 -3.41 2.57
CA GLY A 71 -38.91 -4.60 3.34
C GLY A 71 -38.77 -5.93 2.65
N ILE A 72 -37.87 -6.02 1.67
CA ILE A 72 -37.64 -7.27 0.95
C ILE A 72 -36.42 -7.98 1.53
N ALA A 73 -36.55 -9.29 1.77
CA ALA A 73 -35.46 -10.08 2.33
C ALA A 73 -34.43 -10.41 1.24
N ILE A 74 -33.16 -10.21 1.58
CA ILE A 74 -32.06 -10.45 0.65
C ILE A 74 -31.20 -11.62 1.11
N ASP A 75 -31.15 -12.64 0.27
CA ASP A 75 -30.39 -13.85 0.56
C ASP A 75 -28.92 -13.81 0.15
N SER A 76 -28.60 -12.98 -0.84
CA SER A 76 -27.22 -12.84 -1.31
C SER A 76 -27.07 -11.69 -2.30
N ILE A 77 -25.85 -11.18 -2.41
CA ILE A 77 -25.49 -10.08 -3.30
C ILE A 77 -24.37 -10.60 -4.18
N GLY A 78 -24.28 -10.07 -5.40
CA GLY A 78 -23.22 -10.46 -6.34
C GLY A 78 -22.85 -9.34 -7.28
N ILE A 79 -21.55 -9.11 -7.48
CA ILE A 79 -21.12 -8.05 -8.39
C ILE A 79 -20.32 -8.58 -9.56
N ASP A 80 -20.63 -8.07 -10.75
CA ASP A 80 -19.91 -8.43 -11.97
C ASP A 80 -19.63 -7.12 -12.67
N THR A 81 -18.47 -7.03 -13.32
CA THR A 81 -18.12 -5.81 -14.04
C THR A 81 -17.26 -6.12 -15.26
N TRP A 82 -16.81 -5.07 -15.93
CA TRP A 82 -15.94 -5.21 -17.07
C TRP A 82 -14.64 -5.75 -16.47
N GLY A 83 -13.76 -6.30 -17.29
CA GLY A 83 -12.54 -6.83 -16.73
C GLY A 83 -11.32 -5.93 -16.87
N VAL A 84 -10.17 -6.54 -16.61
CA VAL A 84 -8.89 -5.87 -16.73
C VAL A 84 -8.59 -4.81 -15.69
N ASP A 85 -9.54 -3.93 -15.42
CA ASP A 85 -9.24 -2.88 -14.47
C ASP A 85 -9.19 -3.28 -12.99
N PHE A 86 -8.43 -2.51 -12.25
CA PHE A 86 -8.22 -2.81 -10.84
C PHE A 86 -8.02 -1.54 -10.06
N VAL A 87 -8.02 -1.70 -8.74
CA VAL A 87 -7.84 -0.59 -7.83
C VAL A 87 -6.78 -1.02 -6.85
N LEU A 88 -5.85 -0.11 -6.58
CA LEU A 88 -4.76 -0.40 -5.66
C LEU A 88 -5.13 0.08 -4.26
N LEU A 89 -4.73 -0.70 -3.26
CA LEU A 89 -4.99 -0.39 -1.86
C LEU A 89 -3.73 -0.49 -1.01
N ASP A 90 -3.62 0.35 0.02
CA ASP A 90 -2.48 0.30 0.93
C ASP A 90 -2.96 -0.56 2.10
N GLN A 91 -2.04 -0.95 2.98
CA GLN A 91 -2.39 -1.81 4.11
C GLN A 91 -3.51 -1.30 5.02
N GLN A 92 -3.73 0.00 5.02
CA GLN A 92 -4.77 0.59 5.85
C GLN A 92 -6.11 0.53 5.12
N GLY A 93 -6.12 -0.11 3.96
CA GLY A 93 -7.35 -0.21 3.19
C GLY A 93 -7.68 1.06 2.44
N GLN A 94 -6.69 1.93 2.28
CA GLN A 94 -6.88 3.19 1.57
C GLN A 94 -6.40 3.11 0.11
N ARG A 95 -7.16 3.73 -0.78
CA ARG A 95 -6.81 3.73 -2.19
C ARG A 95 -5.45 4.37 -2.40
N VAL A 96 -4.66 3.77 -3.28
CA VAL A 96 -3.33 4.25 -3.58
C VAL A 96 -3.29 4.72 -5.02
N GLY A 97 -3.34 6.04 -5.20
CA GLY A 97 -3.32 6.60 -6.52
C GLY A 97 -4.75 6.65 -7.03
N LEU A 98 -4.88 6.88 -8.33
CA LEU A 98 -6.19 6.95 -8.98
C LEU A 98 -6.59 5.61 -9.58
N PRO A 99 -7.91 5.40 -9.78
CA PRO A 99 -8.42 4.16 -10.37
C PRO A 99 -8.37 4.32 -11.88
N VAL A 100 -7.19 4.10 -12.44
CA VAL A 100 -6.96 4.27 -13.87
C VAL A 100 -7.72 3.28 -14.76
N ALA A 101 -8.45 3.82 -15.73
CA ALA A 101 -9.26 3.01 -16.64
C ALA A 101 -8.40 2.34 -17.71
N TYR A 102 -8.97 1.32 -18.35
CA TYR A 102 -8.27 0.59 -19.41
C TYR A 102 -8.07 1.48 -20.63
N ARG A 103 -8.88 2.53 -20.71
CA ARG A 103 -8.84 3.47 -21.83
C ARG A 103 -7.82 4.59 -21.67
N ASP A 104 -6.82 4.40 -20.81
CA ASP A 104 -5.80 5.42 -20.62
C ASP A 104 -4.67 5.15 -21.60
N SER A 105 -3.83 6.15 -21.83
CA SER A 105 -2.74 5.98 -22.79
C SER A 105 -1.42 5.49 -22.19
N ARG A 106 -1.38 5.44 -20.87
CA ARG A 106 -0.17 5.02 -20.16
C ARG A 106 0.46 3.71 -20.67
N THR A 107 -0.35 2.82 -21.24
CA THR A 107 0.18 1.54 -21.71
C THR A 107 0.63 1.48 -23.17
N ASN A 108 0.59 2.61 -23.84
CA ASN A 108 1.00 2.66 -25.24
C ASN A 108 2.44 2.21 -25.40
N GLY A 109 2.64 1.23 -26.28
CA GLY A 109 3.98 0.70 -26.54
C GLY A 109 4.41 -0.48 -25.67
N LEU A 110 3.82 -0.65 -24.50
CA LEU A 110 4.22 -1.76 -23.63
C LEU A 110 3.89 -3.17 -24.12
N MET A 111 2.73 -3.36 -24.74
CA MET A 111 2.38 -4.70 -25.26
C MET A 111 3.49 -5.18 -26.20
N ALA A 112 3.83 -4.36 -27.19
CA ALA A 112 4.89 -4.71 -28.15
C ALA A 112 6.20 -4.98 -27.44
N GLN A 113 6.45 -4.28 -26.34
CA GLN A 113 7.68 -4.46 -25.59
C GLN A 113 7.72 -5.84 -24.92
N ALA A 114 6.60 -6.23 -24.33
CA ALA A 114 6.50 -7.52 -23.64
C ALA A 114 6.78 -8.70 -24.57
N GLN A 115 6.34 -8.61 -25.82
CA GLN A 115 6.53 -9.68 -26.78
C GLN A 115 7.98 -9.78 -27.21
N GLN A 116 8.67 -8.65 -27.25
CA GLN A 116 10.07 -8.63 -27.65
C GLN A 116 10.92 -9.18 -26.51
N GLN A 117 10.56 -8.82 -25.28
CA GLN A 117 11.33 -9.27 -24.14
C GLN A 117 11.06 -10.69 -23.61
N LEU A 118 9.79 -11.09 -23.52
CA LEU A 118 9.49 -12.43 -23.01
C LEU A 118 9.20 -13.41 -24.14
N GLY A 119 8.52 -12.94 -25.17
CA GLY A 119 8.18 -13.80 -26.28
C GLY A 119 6.68 -13.96 -26.45
N LYS A 120 6.21 -13.63 -27.64
CA LYS A 120 4.80 -13.73 -27.99
C LYS A 120 4.23 -15.10 -27.56
N ARG A 121 4.86 -16.17 -28.04
CA ARG A 121 4.41 -17.53 -27.72
C ARG A 121 4.53 -17.91 -26.25
N ASP A 122 5.55 -17.40 -25.57
CA ASP A 122 5.71 -17.74 -24.16
C ASP A 122 4.59 -17.11 -23.32
N ILE A 123 4.28 -15.85 -23.59
CA ILE A 123 3.22 -15.16 -22.87
C ILE A 123 1.88 -15.81 -23.17
N TYR A 124 1.65 -16.11 -24.45
CA TYR A 124 0.41 -16.73 -24.87
C TYR A 124 0.25 -18.14 -24.32
N GLN A 125 1.31 -18.93 -24.37
CA GLN A 125 1.22 -20.31 -23.89
C GLN A 125 1.14 -20.45 -22.37
N ARG A 126 1.56 -19.41 -21.65
CA ARG A 126 1.51 -19.43 -20.18
C ARG A 126 0.14 -18.99 -19.69
N SER A 127 -0.48 -18.06 -20.41
CA SER A 127 -1.78 -17.54 -20.01
C SER A 127 -2.97 -17.89 -20.90
N GLY A 128 -2.69 -18.17 -22.17
CA GLY A 128 -3.77 -18.50 -23.08
C GLY A 128 -4.69 -17.32 -23.31
N ILE A 129 -4.21 -16.12 -23.05
CA ILE A 129 -5.00 -14.90 -23.22
C ILE A 129 -4.49 -14.05 -24.39
N GLN A 130 -5.43 -13.53 -25.18
CA GLN A 130 -5.10 -12.70 -26.33
C GLN A 130 -4.32 -11.46 -25.95
N PHE A 131 -3.69 -10.85 -26.95
CA PHE A 131 -2.92 -9.64 -26.75
C PHE A 131 -3.72 -8.38 -27.01
N LEU A 132 -4.22 -7.76 -25.93
CA LEU A 132 -4.97 -6.51 -26.01
C LEU A 132 -4.06 -5.47 -25.36
N PRO A 133 -3.80 -4.35 -26.06
CA PRO A 133 -2.93 -3.27 -25.58
C PRO A 133 -3.17 -2.78 -24.16
N PHE A 134 -4.38 -2.97 -23.65
CA PHE A 134 -4.68 -2.52 -22.30
C PHE A 134 -4.84 -3.61 -21.25
N ASN A 135 -4.22 -4.78 -21.47
CA ASN A 135 -4.31 -5.86 -20.50
C ASN A 135 -3.65 -5.47 -19.17
N THR A 136 -4.18 -6.00 -18.07
CA THR A 136 -3.68 -5.71 -16.72
C THR A 136 -2.15 -5.79 -16.68
N LEU A 137 -1.62 -6.82 -17.31
CA LEU A 137 -0.19 -7.06 -17.35
C LEU A 137 0.57 -5.80 -17.76
N TYR A 138 0.18 -5.19 -18.86
CA TYR A 138 0.83 -3.98 -19.35
C TYR A 138 0.49 -2.76 -18.47
N GLN A 139 -0.71 -2.77 -17.88
CA GLN A 139 -1.10 -1.67 -17.00
C GLN A 139 -0.23 -1.68 -15.75
N LEU A 140 0.07 -2.86 -15.24
CA LEU A 140 0.90 -3.00 -14.05
C LEU A 140 2.34 -2.61 -14.38
N ARG A 141 2.81 -3.04 -15.54
CA ARG A 141 4.15 -2.68 -15.98
C ARG A 141 4.16 -1.16 -16.06
N ALA A 142 3.11 -0.60 -16.64
CA ALA A 142 3.00 0.85 -16.77
C ALA A 142 3.05 1.50 -15.41
N LEU A 143 2.27 0.96 -14.47
CA LEU A 143 2.20 1.49 -13.11
C LEU A 143 3.56 1.60 -12.46
N THR A 144 4.39 0.58 -12.64
CA THR A 144 5.70 0.58 -12.03
C THR A 144 6.77 1.37 -12.81
N GLU A 145 6.58 1.54 -14.11
CA GLU A 145 7.54 2.30 -14.90
C GLU A 145 7.32 3.82 -14.82
N GLN A 146 6.11 4.23 -14.45
CA GLN A 146 5.81 5.66 -14.41
C GLN A 146 5.45 6.23 -13.05
N GLN A 147 5.10 5.38 -12.10
CA GLN A 147 4.73 5.83 -10.76
C GLN A 147 5.57 5.06 -9.77
N PRO A 148 6.89 5.27 -9.79
CA PRO A 148 7.79 4.56 -8.86
C PRO A 148 7.46 4.83 -7.39
N GLU A 149 6.96 6.02 -7.11
CA GLU A 149 6.64 6.41 -5.73
C GLU A 149 5.55 5.58 -5.05
N LEU A 150 4.49 5.25 -5.80
CA LEU A 150 3.36 4.49 -5.27
C LEU A 150 3.70 3.06 -4.85
N ILE A 151 4.58 2.43 -5.62
CA ILE A 151 4.97 1.05 -5.38
C ILE A 151 5.10 0.58 -3.94
N PRO A 152 5.85 1.30 -3.10
CA PRO A 152 6.01 0.86 -1.70
C PRO A 152 4.74 0.95 -0.85
N HIS A 153 3.77 1.75 -1.28
CA HIS A 153 2.53 1.89 -0.52
C HIS A 153 1.47 0.89 -0.94
N ILE A 154 1.73 0.16 -2.02
CA ILE A 154 0.76 -0.81 -2.49
C ILE A 154 0.84 -2.08 -1.67
N ALA A 155 -0.30 -2.49 -1.14
CA ALA A 155 -0.39 -3.69 -0.32
C ALA A 155 -1.26 -4.71 -1.03
N HIS A 156 -2.25 -4.22 -1.78
CA HIS A 156 -3.19 -5.08 -2.48
C HIS A 156 -3.66 -4.49 -3.80
N ALA A 157 -3.83 -5.36 -4.78
CA ALA A 157 -4.34 -4.97 -6.09
C ALA A 157 -5.61 -5.78 -6.22
N LEU A 158 -6.74 -5.13 -6.45
CA LEU A 158 -7.99 -5.85 -6.56
C LEU A 158 -8.69 -5.52 -7.85
N LEU A 159 -9.15 -6.55 -8.56
CA LEU A 159 -9.90 -6.33 -9.80
C LEU A 159 -11.19 -5.60 -9.42
N MET A 160 -11.70 -4.77 -10.33
CA MET A 160 -12.90 -3.96 -10.06
C MET A 160 -14.06 -4.64 -9.36
N PRO A 161 -14.43 -5.85 -9.79
CA PRO A 161 -15.55 -6.50 -9.09
C PRO A 161 -15.24 -6.80 -7.61
N ASP A 162 -14.04 -7.29 -7.33
CA ASP A 162 -13.69 -7.64 -5.96
C ASP A 162 -13.49 -6.41 -5.07
N TYR A 163 -13.15 -5.28 -5.69
CA TYR A 163 -12.97 -4.06 -4.93
C TYR A 163 -14.29 -3.65 -4.32
N PHE A 164 -15.31 -3.53 -5.15
CA PHE A 164 -16.60 -3.14 -4.65
C PHE A 164 -17.11 -4.13 -3.63
N SER A 165 -16.65 -5.37 -3.73
CA SER A 165 -17.05 -6.39 -2.78
C SER A 165 -16.31 -6.09 -1.48
N TYR A 166 -15.09 -5.56 -1.63
CA TYR A 166 -14.27 -5.20 -0.49
C TYR A 166 -14.88 -4.01 0.27
N ARG A 167 -15.43 -3.05 -0.48
CA ARG A 167 -16.05 -1.88 0.11
C ARG A 167 -17.31 -2.27 0.90
N LEU A 168 -17.98 -3.32 0.45
CA LEU A 168 -19.20 -3.76 1.10
C LEU A 168 -18.98 -4.68 2.28
N THR A 169 -17.96 -5.52 2.18
CA THR A 169 -17.70 -6.51 3.20
C THR A 169 -16.47 -6.29 4.07
N GLY A 170 -15.47 -5.63 3.52
CA GLY A 170 -14.24 -5.42 4.26
C GLY A 170 -13.33 -6.63 4.06
N LYS A 171 -13.77 -7.59 3.25
CA LYS A 171 -13.01 -8.79 2.97
C LYS A 171 -12.53 -8.73 1.53
N MET A 172 -11.34 -9.26 1.27
CA MET A 172 -10.75 -9.25 -0.07
C MET A 172 -10.91 -10.57 -0.82
N ASN A 173 -10.91 -10.47 -2.14
CA ASN A 173 -11.05 -11.65 -2.97
C ASN A 173 -10.41 -11.47 -4.35
N TRP A 174 -10.18 -12.57 -5.04
CA TRP A 174 -9.59 -12.57 -6.37
C TRP A 174 -10.33 -13.60 -7.21
N GLU A 175 -11.42 -13.17 -7.82
CA GLU A 175 -12.25 -14.05 -8.62
C GLU A 175 -11.52 -14.57 -9.87
N TYR A 176 -11.48 -15.90 -9.97
CA TYR A 176 -10.83 -16.58 -11.08
C TYR A 176 -11.15 -16.09 -12.50
N THR A 177 -12.42 -16.10 -12.90
CA THR A 177 -12.79 -15.70 -14.26
C THR A 177 -12.36 -14.28 -14.62
N ASN A 178 -12.56 -13.32 -13.73
CA ASN A 178 -12.11 -11.98 -14.06
C ASN A 178 -10.56 -11.99 -14.05
N ALA A 179 -9.99 -12.74 -13.10
CA ALA A 179 -8.53 -12.84 -12.96
C ALA A 179 -7.81 -13.27 -14.23
N THR A 180 -8.41 -14.19 -14.97
CA THR A 180 -7.77 -14.66 -16.19
C THR A 180 -7.65 -13.56 -17.23
N THR A 181 -8.52 -12.54 -17.17
CA THR A 181 -8.45 -11.46 -18.17
C THR A 181 -7.19 -10.60 -18.08
N THR A 182 -6.48 -10.68 -16.95
CA THR A 182 -5.29 -9.86 -16.76
C THR A 182 -4.11 -10.31 -17.59
N GLN A 183 -4.16 -11.56 -18.04
CA GLN A 183 -3.09 -12.18 -18.81
C GLN A 183 -1.92 -12.37 -17.84
N LEU A 184 -2.26 -12.53 -16.56
CA LEU A 184 -1.27 -12.73 -15.50
C LEU A 184 -1.41 -14.11 -14.84
N VAL A 185 -2.43 -14.87 -15.24
CA VAL A 185 -2.65 -16.17 -14.65
C VAL A 185 -2.10 -17.31 -15.52
N ASN A 186 -1.40 -18.24 -14.90
CA ASN A 186 -0.85 -19.35 -15.65
C ASN A 186 -1.95 -20.37 -15.89
N ILE A 187 -2.06 -20.80 -17.13
CA ILE A 187 -3.09 -21.74 -17.52
C ILE A 187 -2.98 -23.16 -16.96
N ASN A 188 -1.83 -23.52 -16.38
CA ASN A 188 -1.64 -24.87 -15.82
C ASN A 188 -1.79 -24.95 -14.30
N SER A 189 -1.64 -23.83 -13.61
CA SER A 189 -1.74 -23.83 -12.15
C SER A 189 -2.95 -23.07 -11.63
N ASP A 190 -3.52 -22.23 -12.48
CA ASP A 190 -4.65 -21.40 -12.08
C ASP A 190 -4.18 -20.42 -11.02
N ASP A 191 -2.90 -20.08 -11.06
CA ASP A 191 -2.35 -19.13 -10.10
C ASP A 191 -1.54 -18.08 -10.87
N TRP A 192 -1.23 -16.96 -10.23
CA TRP A 192 -0.48 -15.91 -10.91
C TRP A 192 0.84 -16.47 -11.44
N ASP A 193 1.20 -16.02 -12.63
CA ASP A 193 2.43 -16.45 -13.27
C ASP A 193 3.64 -15.65 -12.78
N GLU A 194 4.54 -16.31 -12.07
CA GLU A 194 5.75 -15.65 -11.55
C GLU A 194 6.42 -14.79 -12.60
N SER A 195 6.85 -15.43 -13.68
CA SER A 195 7.55 -14.71 -14.75
C SER A 195 6.79 -13.53 -15.34
N LEU A 196 5.47 -13.56 -15.34
CA LEU A 196 4.71 -12.44 -15.88
C LEU A 196 4.57 -11.32 -14.86
N LEU A 197 4.41 -11.70 -13.59
CA LEU A 197 4.28 -10.70 -12.54
C LEU A 197 5.63 -10.04 -12.39
N ALA A 198 6.70 -10.82 -12.62
CA ALA A 198 8.06 -10.30 -12.52
C ALA A 198 8.27 -9.23 -13.57
N TRP A 199 7.90 -9.53 -14.81
CA TRP A 199 8.06 -8.57 -15.88
C TRP A 199 7.22 -7.32 -15.60
N SER A 200 5.99 -7.52 -15.12
CA SER A 200 5.09 -6.42 -14.83
C SER A 200 5.61 -5.48 -13.76
N GLY A 201 6.41 -6.02 -12.85
CA GLY A 201 6.95 -5.23 -11.76
C GLY A 201 6.07 -5.31 -10.53
N ALA A 202 4.89 -5.91 -10.69
CA ALA A 202 3.95 -6.07 -9.58
C ALA A 202 4.54 -7.04 -8.56
N ASN A 203 3.90 -7.13 -7.40
CA ASN A 203 4.37 -8.02 -6.34
C ASN A 203 3.32 -9.13 -6.16
N LYS A 204 3.76 -10.36 -5.90
CA LYS A 204 2.78 -11.45 -5.71
C LYS A 204 1.96 -11.23 -4.44
N ALA A 205 2.55 -10.56 -3.46
CA ALA A 205 1.86 -10.30 -2.21
C ALA A 205 0.68 -9.38 -2.46
N TRP A 206 0.65 -8.76 -3.64
CA TRP A 206 -0.44 -7.87 -4.00
C TRP A 206 -1.70 -8.65 -4.36
N PHE A 207 -1.55 -9.94 -4.61
CA PHE A 207 -2.67 -10.80 -5.00
C PHE A 207 -2.69 -12.10 -4.20
N GLY A 208 -3.84 -12.76 -4.24
CA GLY A 208 -3.99 -14.03 -3.55
C GLY A 208 -4.47 -15.06 -4.56
N ARG A 209 -4.22 -16.35 -4.30
CA ARG A 209 -4.64 -17.44 -5.17
C ARG A 209 -6.01 -17.17 -5.80
N PRO A 210 -6.09 -17.14 -7.13
CA PRO A 210 -7.40 -16.90 -7.72
C PRO A 210 -8.32 -18.02 -7.25
N THR A 211 -9.51 -17.67 -6.76
CA THR A 211 -10.45 -18.67 -6.28
C THR A 211 -11.69 -18.70 -7.20
N HIS A 212 -12.09 -19.89 -7.59
CA HIS A 212 -13.24 -20.04 -8.46
C HIS A 212 -14.50 -19.44 -7.82
N PRO A 213 -15.45 -19.02 -8.66
CA PRO A 213 -16.73 -18.40 -8.30
C PRO A 213 -17.66 -19.29 -7.47
N GLY A 214 -18.27 -18.71 -6.45
CA GLY A 214 -19.19 -19.44 -5.60
C GLY A 214 -18.94 -19.23 -4.12
N ASN A 215 -17.75 -18.74 -3.79
CA ASN A 215 -17.42 -18.51 -2.41
C ASN A 215 -18.06 -17.23 -1.87
N VAL A 216 -18.32 -17.21 -0.56
CA VAL A 216 -18.88 -16.04 0.08
C VAL A 216 -17.68 -15.15 0.45
N ILE A 217 -17.56 -14.00 -0.20
CA ILE A 217 -16.45 -13.08 0.09
C ILE A 217 -16.59 -12.60 1.53
N GLY A 218 -17.79 -12.17 1.88
CA GLY A 218 -18.04 -11.67 3.22
C GLY A 218 -19.47 -11.24 3.41
N HIS A 219 -19.69 -10.28 4.31
CA HIS A 219 -21.04 -9.82 4.57
C HIS A 219 -21.26 -8.32 4.41
N TRP A 220 -22.52 -7.97 4.20
CA TRP A 220 -22.93 -6.59 4.10
C TRP A 220 -24.04 -6.45 5.13
N ILE A 221 -24.06 -5.33 5.83
CA ILE A 221 -25.08 -5.07 6.85
C ILE A 221 -26.08 -4.02 6.38
N CYS A 222 -27.36 -4.38 6.34
CA CYS A 222 -28.39 -3.42 5.92
C CYS A 222 -28.65 -2.42 7.03
N PRO A 223 -29.49 -1.40 6.75
CA PRO A 223 -29.82 -0.37 7.74
C PRO A 223 -30.03 -0.87 9.18
N GLN A 224 -30.49 -2.11 9.34
CA GLN A 224 -30.70 -2.65 10.67
C GLN A 224 -29.49 -3.39 11.26
N GLY A 225 -29.30 -4.64 10.85
CA GLY A 225 -28.16 -5.40 11.37
C GLY A 225 -28.10 -6.81 10.80
N ASN A 226 -29.15 -7.21 10.09
CA ASN A 226 -29.19 -8.53 9.49
C ASN A 226 -28.04 -8.61 8.49
N GLU A 227 -27.31 -9.73 8.53
CA GLU A 227 -26.18 -9.92 7.65
C GLU A 227 -26.52 -10.62 6.34
N ILE A 228 -26.26 -9.92 5.24
CA ILE A 228 -26.50 -10.44 3.89
C ILE A 228 -25.17 -10.83 3.27
N PRO A 229 -25.02 -12.12 2.91
CA PRO A 229 -23.78 -12.62 2.31
C PRO A 229 -23.45 -12.06 0.92
N VAL A 230 -22.19 -11.72 0.69
CA VAL A 230 -21.74 -11.23 -0.60
C VAL A 230 -20.95 -12.32 -1.31
N VAL A 231 -21.50 -12.81 -2.42
CA VAL A 231 -20.91 -13.88 -3.19
C VAL A 231 -20.02 -13.49 -4.36
N ALA A 232 -18.95 -14.24 -4.55
CA ALA A 232 -18.06 -14.01 -5.69
C ALA A 232 -18.73 -14.77 -6.83
N VAL A 233 -19.26 -14.05 -7.81
CA VAL A 233 -19.91 -14.73 -8.93
C VAL A 233 -18.91 -14.70 -10.07
N ALA A 234 -19.27 -15.13 -11.27
CA ALA A 234 -18.29 -15.03 -12.35
C ALA A 234 -18.29 -13.52 -12.55
N SER A 235 -17.39 -12.82 -11.84
CA SER A 235 -17.34 -11.36 -11.89
C SER A 235 -17.13 -10.70 -13.24
N HIS A 236 -16.46 -11.37 -14.18
CA HIS A 236 -16.29 -10.79 -15.51
C HIS A 236 -17.68 -10.87 -16.13
N ASP A 237 -18.26 -9.73 -16.47
CA ASP A 237 -19.59 -9.68 -17.04
C ASP A 237 -19.82 -10.66 -18.19
N THR A 238 -18.81 -10.86 -19.02
CA THR A 238 -18.93 -11.77 -20.17
C THR A 238 -18.93 -13.25 -19.75
N ALA A 239 -18.33 -13.53 -18.61
CA ALA A 239 -18.33 -14.89 -18.11
C ALA A 239 -19.75 -15.14 -17.58
N SER A 240 -20.35 -14.13 -16.95
CA SER A 240 -21.72 -14.25 -16.45
C SER A 240 -22.70 -14.41 -17.59
N ALA A 241 -22.46 -13.65 -18.67
CA ALA A 241 -23.35 -13.69 -19.84
C ALA A 241 -23.41 -15.09 -20.44
N VAL A 242 -22.25 -15.73 -20.59
CA VAL A 242 -22.15 -17.07 -21.17
C VAL A 242 -22.75 -18.12 -20.25
N ILE A 243 -22.61 -17.91 -18.94
CA ILE A 243 -23.20 -18.87 -18.00
C ILE A 243 -24.70 -18.94 -18.29
N ALA A 244 -25.33 -17.78 -18.51
CA ALA A 244 -26.77 -17.74 -18.75
C ALA A 244 -27.22 -18.01 -20.18
N SER A 245 -26.26 -18.25 -21.07
CA SER A 245 -26.56 -18.58 -22.46
C SER A 245 -27.07 -20.03 -22.40
N PRO A 246 -28.31 -20.27 -22.84
CA PRO A 246 -28.89 -21.62 -22.80
C PRO A 246 -28.26 -22.65 -23.75
N LEU A 247 -26.96 -22.86 -23.57
CA LEU A 247 -26.22 -23.84 -24.35
C LEU A 247 -26.61 -25.25 -23.96
N ASN A 248 -26.59 -26.15 -24.93
CA ASN A 248 -26.93 -27.54 -24.72
C ASN A 248 -26.16 -28.36 -25.73
N GLY A 249 -25.04 -28.93 -25.30
CA GLY A 249 -24.25 -29.74 -26.20
C GLY A 249 -22.88 -29.16 -26.50
N SER A 250 -22.13 -29.85 -27.33
CA SER A 250 -20.81 -29.42 -27.72
C SER A 250 -20.85 -28.72 -29.07
N ARG A 251 -21.96 -28.88 -29.79
CA ARG A 251 -22.10 -28.27 -31.11
C ARG A 251 -22.73 -26.86 -31.07
N ALA A 252 -22.82 -26.26 -29.88
CA ALA A 252 -23.42 -24.95 -29.77
C ALA A 252 -22.39 -23.85 -29.52
N ALA A 253 -22.69 -22.66 -30.03
CA ALA A 253 -21.80 -21.51 -29.85
C ALA A 253 -22.60 -20.33 -29.29
N TYR A 254 -21.88 -19.34 -28.79
CA TYR A 254 -22.54 -18.15 -28.25
C TYR A 254 -21.89 -16.90 -28.81
N LEU A 255 -22.66 -15.83 -28.83
CA LEU A 255 -22.20 -14.54 -29.30
C LEU A 255 -22.76 -13.52 -28.33
N SER A 256 -21.90 -13.02 -27.46
CA SER A 256 -22.29 -12.02 -26.47
C SER A 256 -22.41 -10.71 -27.26
N SER A 257 -23.65 -10.37 -27.64
CA SER A 257 -23.94 -9.19 -28.46
C SER A 257 -24.13 -7.87 -27.70
N GLY A 258 -23.21 -6.93 -27.92
CA GLY A 258 -23.26 -5.63 -27.26
C GLY A 258 -22.43 -4.57 -27.97
N THR A 259 -22.07 -3.49 -27.26
CA THR A 259 -21.27 -2.43 -27.84
C THR A 259 -20.01 -3.07 -28.40
N TRP A 260 -19.47 -3.99 -27.63
CA TRP A 260 -18.31 -4.78 -28.04
C TRP A 260 -18.94 -6.16 -28.00
N SER A 261 -18.50 -7.06 -28.86
CA SER A 261 -19.10 -8.39 -28.82
C SER A 261 -18.09 -9.51 -28.76
N LEU A 262 -18.58 -10.70 -28.46
CA LEU A 262 -17.73 -11.86 -28.31
C LEU A 262 -18.39 -13.07 -28.95
N MET A 263 -17.57 -13.94 -29.48
CA MET A 263 -18.05 -15.15 -30.12
C MET A 263 -17.08 -16.28 -29.78
N GLY A 264 -17.62 -17.35 -29.20
CA GLY A 264 -16.79 -18.47 -28.86
C GLY A 264 -17.60 -19.68 -28.46
N PHE A 265 -16.92 -20.65 -27.84
CA PHE A 265 -17.56 -21.87 -27.38
C PHE A 265 -16.95 -22.29 -26.04
N GLU A 266 -17.45 -23.37 -25.44
CA GLU A 266 -16.93 -23.86 -24.17
C GLU A 266 -16.03 -25.07 -24.42
N SER A 267 -14.95 -25.18 -23.66
CA SER A 267 -14.02 -26.30 -23.81
C SER A 267 -13.37 -26.72 -22.48
N GLN A 268 -13.00 -27.98 -22.38
CA GLN A 268 -12.36 -28.49 -21.18
C GLN A 268 -10.92 -28.02 -21.15
N THR A 269 -10.31 -27.88 -22.32
CA THR A 269 -8.94 -27.41 -22.36
C THR A 269 -8.80 -26.17 -23.24
N PRO A 270 -7.79 -25.35 -22.95
CA PRO A 270 -7.59 -24.14 -23.74
C PRO A 270 -6.80 -24.43 -25.03
N PHE A 271 -6.87 -23.49 -25.97
CA PHE A 271 -6.18 -23.62 -27.25
C PHE A 271 -5.04 -22.59 -27.24
N THR A 272 -3.82 -23.08 -27.17
CA THR A 272 -2.66 -22.20 -27.15
C THR A 272 -1.71 -22.43 -28.31
N ASN A 273 -2.13 -23.23 -29.28
CA ASN A 273 -1.29 -23.49 -30.45
C ASN A 273 -1.17 -22.23 -31.32
N ASP A 274 -0.23 -22.24 -32.26
CA ASP A 274 -0.02 -21.09 -33.13
C ASP A 274 -1.22 -20.71 -33.98
N THR A 275 -2.14 -21.65 -34.16
CA THR A 275 -3.34 -21.35 -34.92
C THR A 275 -4.21 -20.44 -34.09
N ALA A 276 -4.40 -20.81 -32.83
CA ALA A 276 -5.22 -20.01 -31.93
C ALA A 276 -4.63 -18.61 -31.79
N LEU A 277 -3.31 -18.57 -31.76
CA LEU A 277 -2.55 -17.33 -31.61
C LEU A 277 -2.73 -16.35 -32.80
N ALA A 278 -2.65 -16.90 -34.01
CA ALA A 278 -2.79 -16.09 -35.21
C ALA A 278 -4.21 -15.54 -35.37
N ALA A 279 -5.21 -16.31 -34.94
CA ALA A 279 -6.60 -15.87 -35.06
C ALA A 279 -7.08 -14.96 -33.93
N ASN A 280 -6.17 -14.47 -33.11
CA ASN A 280 -6.55 -13.58 -32.01
C ASN A 280 -7.52 -14.24 -31.03
N ILE A 281 -7.49 -15.57 -30.91
CA ILE A 281 -8.40 -16.23 -29.99
C ILE A 281 -7.93 -16.09 -28.55
N THR A 282 -8.89 -16.12 -27.62
CA THR A 282 -8.54 -16.01 -26.22
C THR A 282 -9.21 -17.15 -25.45
N ASN A 283 -8.52 -17.60 -24.40
CA ASN A 283 -8.99 -18.68 -23.55
C ASN A 283 -9.28 -18.10 -22.18
N GLU A 284 -10.50 -17.59 -22.03
CA GLU A 284 -10.92 -16.98 -20.78
C GLU A 284 -11.44 -18.02 -19.81
N GLY A 285 -11.27 -17.73 -18.51
CA GLY A 285 -11.73 -18.63 -17.48
C GLY A 285 -13.22 -18.46 -17.30
N GLY A 286 -13.92 -19.58 -17.14
CA GLY A 286 -15.36 -19.55 -16.92
C GLY A 286 -15.67 -20.39 -15.69
N ALA A 287 -16.95 -20.62 -15.42
CA ALA A 287 -17.31 -21.43 -14.27
C ALA A 287 -17.06 -22.92 -14.56
N GLU A 288 -16.93 -23.69 -13.47
CA GLU A 288 -16.69 -25.13 -13.53
C GLU A 288 -15.41 -25.53 -14.25
N GLY A 289 -14.45 -24.60 -14.29
CA GLY A 289 -13.19 -24.89 -14.96
C GLY A 289 -13.37 -25.01 -16.46
N ARG A 290 -14.44 -24.43 -16.99
CA ARG A 290 -14.69 -24.50 -18.42
C ARG A 290 -14.23 -23.22 -19.12
N TYR A 291 -13.31 -23.36 -20.06
CA TYR A 291 -12.78 -22.22 -20.79
C TYR A 291 -13.74 -21.65 -21.80
N ARG A 292 -13.72 -20.33 -21.93
CA ARG A 292 -14.53 -19.64 -22.90
C ARG A 292 -13.58 -19.30 -24.05
N VAL A 293 -13.44 -20.23 -24.99
CA VAL A 293 -12.56 -20.05 -26.14
C VAL A 293 -13.29 -19.06 -27.03
N LEU A 294 -12.84 -17.81 -27.02
CA LEU A 294 -13.56 -16.80 -27.79
C LEU A 294 -12.69 -15.81 -28.57
N LYS A 295 -13.38 -14.89 -29.23
CA LYS A 295 -12.71 -13.89 -30.04
C LYS A 295 -13.48 -12.58 -29.93
N ASN A 296 -12.78 -11.52 -29.56
CA ASN A 296 -13.39 -10.20 -29.44
C ASN A 296 -13.81 -9.68 -30.80
N ILE A 297 -15.06 -9.28 -30.91
CA ILE A 297 -15.64 -8.78 -32.16
C ILE A 297 -16.21 -7.37 -31.96
N MET A 298 -16.20 -6.57 -33.03
CA MET A 298 -16.66 -5.18 -33.00
C MET A 298 -17.97 -4.90 -32.28
N GLY A 299 -19.10 -5.27 -32.88
CA GLY A 299 -20.35 -4.99 -32.22
C GLY A 299 -21.12 -3.77 -32.71
N LEU A 300 -22.18 -3.41 -31.98
CA LEU A 300 -23.05 -2.30 -32.37
C LEU A 300 -22.58 -0.89 -32.06
N TRP A 301 -21.39 -0.77 -31.49
CA TRP A 301 -20.80 0.53 -31.20
C TRP A 301 -20.80 1.34 -32.51
N LEU A 302 -20.67 0.64 -33.62
CA LEU A 302 -20.67 1.24 -34.94
C LEU A 302 -22.00 1.95 -35.21
N LEU A 303 -23.10 1.24 -34.95
CA LEU A 303 -24.45 1.77 -35.16
C LEU A 303 -24.76 2.85 -34.14
N GLN A 304 -24.23 2.69 -32.94
CA GLN A 304 -24.44 3.68 -31.90
C GLN A 304 -23.92 5.02 -32.40
N ARG A 305 -22.65 5.03 -32.80
CA ARG A 305 -22.02 6.26 -33.27
C ARG A 305 -22.77 6.85 -34.44
N VAL A 306 -23.35 6.00 -35.28
CA VAL A 306 -24.12 6.51 -36.41
C VAL A 306 -25.48 7.03 -35.99
N LEU A 307 -26.17 6.31 -35.09
CA LEU A 307 -27.48 6.76 -34.65
C LEU A 307 -27.29 8.12 -33.99
N GLN A 308 -26.12 8.26 -33.38
CA GLN A 308 -25.72 9.49 -32.68
C GLN A 308 -25.34 10.67 -33.61
N GLU A 309 -24.54 10.40 -34.64
CA GLU A 309 -24.10 11.44 -35.59
C GLU A 309 -25.19 11.98 -36.51
N ARG A 310 -26.14 11.13 -36.87
CA ARG A 310 -27.22 11.55 -37.77
C ARG A 310 -28.48 11.90 -36.98
N GLN A 311 -28.37 11.99 -35.66
CA GLN A 311 -29.50 12.32 -34.79
C GLN A 311 -30.73 11.47 -35.08
N ILE A 312 -30.56 10.15 -35.15
CA ILE A 312 -31.64 9.22 -35.42
C ILE A 312 -32.26 8.74 -34.11
N ASN A 313 -33.53 9.05 -33.88
CA ASN A 313 -34.18 8.63 -32.64
C ASN A 313 -35.05 7.39 -32.83
N ASP A 314 -35.35 7.05 -34.08
CA ASP A 314 -36.19 5.87 -34.34
C ASP A 314 -35.38 4.66 -34.80
N LEU A 315 -34.92 3.84 -33.87
CA LEU A 315 -34.18 2.63 -34.22
C LEU A 315 -35.07 1.87 -35.19
N PRO A 316 -36.35 1.67 -34.84
CA PRO A 316 -37.26 0.96 -35.76
C PRO A 316 -37.42 1.94 -36.93
N ALA A 317 -38.16 1.56 -37.97
CA ALA A 317 -38.28 2.46 -39.13
C ALA A 317 -36.91 2.45 -39.81
N LEU A 318 -35.86 2.57 -38.99
CA LEU A 318 -34.51 2.52 -39.53
C LEU A 318 -34.30 1.08 -39.97
N ILE A 319 -34.57 0.13 -39.08
CA ILE A 319 -34.43 -1.29 -39.41
C ILE A 319 -35.39 -1.55 -40.58
N ALA A 320 -36.59 -0.98 -40.48
CA ALA A 320 -37.60 -1.14 -41.52
C ALA A 320 -37.10 -0.61 -42.86
N ALA A 321 -36.43 0.52 -42.84
CA ALA A 321 -35.91 1.15 -44.05
C ALA A 321 -34.71 0.39 -44.60
N THR A 322 -33.89 -0.15 -43.70
CA THR A 322 -32.70 -0.89 -44.11
C THR A 322 -33.13 -2.06 -44.97
N GLN A 323 -34.26 -2.67 -44.61
CA GLN A 323 -34.77 -3.83 -45.33
C GLN A 323 -35.28 -3.60 -46.74
N ALA A 324 -35.51 -2.35 -47.11
CA ALA A 324 -35.97 -2.06 -48.47
C ALA A 324 -34.74 -2.06 -49.38
N LEU A 325 -33.56 -2.05 -48.76
CA LEU A 325 -32.29 -2.04 -49.47
C LEU A 325 -31.66 -3.42 -49.64
N PRO A 326 -31.08 -3.68 -50.82
CA PRO A 326 -30.45 -5.00 -51.04
C PRO A 326 -29.28 -5.16 -50.05
N ALA A 327 -28.71 -6.35 -49.94
CA ALA A 327 -27.62 -6.52 -48.99
C ALA A 327 -26.28 -6.85 -49.64
N CYS A 328 -25.22 -6.69 -48.84
CA CYS A 328 -23.88 -6.98 -49.30
C CYS A 328 -23.44 -6.15 -50.50
N ARG A 329 -23.90 -4.90 -50.51
CA ARG A 329 -23.57 -3.95 -51.56
C ARG A 329 -22.45 -3.12 -50.96
N PHE A 330 -22.54 -2.92 -49.65
CA PHE A 330 -21.58 -2.14 -48.90
C PHE A 330 -20.98 -3.10 -47.86
N ILE A 331 -19.70 -3.40 -48.01
CA ILE A 331 -19.00 -4.30 -47.13
C ILE A 331 -17.72 -3.67 -46.59
N ILE A 332 -17.57 -3.74 -45.28
CA ILE A 332 -16.37 -3.21 -44.61
C ILE A 332 -15.92 -4.32 -43.66
N ASN A 333 -14.78 -4.10 -43.02
CA ASN A 333 -14.30 -5.07 -42.02
C ASN A 333 -14.42 -4.41 -40.65
N PRO A 334 -15.46 -4.79 -39.89
CA PRO A 334 -15.72 -4.25 -38.55
C PRO A 334 -14.61 -4.37 -37.51
N ASN A 335 -13.71 -5.34 -37.68
CA ASN A 335 -12.62 -5.51 -36.71
C ASN A 335 -11.36 -4.73 -37.05
N ASP A 336 -11.40 -3.92 -38.11
CA ASP A 336 -10.23 -3.14 -38.47
C ASP A 336 -10.05 -2.02 -37.45
N ASP A 337 -8.81 -1.76 -37.07
CA ASP A 337 -8.51 -0.71 -36.09
C ASP A 337 -9.07 0.66 -36.44
N ARG A 338 -9.24 0.93 -37.73
CA ARG A 338 -9.77 2.22 -38.16
C ARG A 338 -11.12 2.54 -37.53
N PHE A 339 -11.83 1.52 -37.05
CA PHE A 339 -13.14 1.74 -36.44
C PHE A 339 -13.15 1.81 -34.91
N ILE A 340 -11.98 1.68 -34.29
CA ILE A 340 -11.92 1.73 -32.84
C ILE A 340 -12.45 3.06 -32.34
N ASN A 341 -11.95 4.16 -32.90
CA ASN A 341 -12.40 5.49 -32.46
C ASN A 341 -12.07 6.67 -33.39
N PRO A 342 -12.73 6.76 -34.57
CA PRO A 342 -12.46 7.89 -35.48
C PRO A 342 -13.28 9.10 -35.03
N ASP A 343 -12.94 10.30 -35.50
CA ASP A 343 -13.68 11.48 -35.10
C ASP A 343 -15.10 11.42 -35.69
N GLU A 344 -15.21 10.84 -36.88
CA GLU A 344 -16.48 10.68 -37.59
C GLU A 344 -16.65 9.22 -38.06
N MET A 345 -17.48 8.45 -37.38
CA MET A 345 -17.71 7.04 -37.75
C MET A 345 -18.31 6.90 -39.16
N CYS A 346 -19.16 7.85 -39.55
CA CYS A 346 -19.78 7.85 -40.86
C CYS A 346 -18.76 8.07 -41.98
N SER A 347 -17.84 9.00 -41.75
CA SER A 347 -16.78 9.30 -42.72
C SER A 347 -15.82 8.12 -42.91
N GLU A 348 -15.59 7.38 -41.82
CA GLU A 348 -14.69 6.23 -41.81
C GLU A 348 -15.30 5.03 -42.56
N ILE A 349 -16.58 4.76 -42.33
CA ILE A 349 -17.27 3.67 -43.04
C ILE A 349 -17.16 3.98 -44.55
N GLN A 350 -17.51 5.22 -44.88
CA GLN A 350 -17.50 5.69 -46.24
C GLN A 350 -16.11 5.61 -46.85
N ALA A 351 -15.10 6.02 -46.10
CA ALA A 351 -13.74 5.96 -46.63
C ALA A 351 -13.42 4.51 -46.96
N ALA A 352 -13.74 3.62 -46.04
CA ALA A 352 -13.46 2.20 -46.21
C ALA A 352 -14.11 1.63 -47.45
N CYS A 353 -15.38 1.96 -47.67
CA CYS A 353 -16.09 1.45 -48.83
C CYS A 353 -15.44 1.91 -50.14
N ARG A 354 -14.92 3.14 -50.16
CA ARG A 354 -14.28 3.65 -51.37
C ARG A 354 -12.97 2.92 -51.65
N GLU A 355 -12.12 2.83 -50.63
CA GLU A 355 -10.83 2.16 -50.79
C GLU A 355 -11.01 0.81 -51.48
N MET A 356 -12.20 0.23 -51.35
CA MET A 356 -12.50 -1.06 -51.96
C MET A 356 -13.44 -0.94 -53.17
N ALA A 357 -13.18 0.08 -53.99
CA ALA A 357 -13.95 0.36 -55.20
C ALA A 357 -15.48 0.16 -55.13
N GLN A 358 -16.04 0.19 -53.92
CA GLN A 358 -17.49 0.02 -53.73
C GLN A 358 -18.28 1.34 -53.82
N PRO A 359 -19.61 1.26 -54.01
CA PRO A 359 -20.38 2.50 -54.07
C PRO A 359 -20.36 3.06 -52.64
N ILE A 360 -20.62 4.36 -52.47
CA ILE A 360 -20.59 4.91 -51.11
C ILE A 360 -21.96 4.98 -50.45
N PRO A 361 -22.09 4.41 -49.24
CA PRO A 361 -23.35 4.41 -48.48
C PRO A 361 -23.53 5.78 -47.82
N GLU A 362 -24.45 6.58 -48.33
CA GLU A 362 -24.63 7.92 -47.75
C GLU A 362 -25.91 8.18 -46.99
N SER A 363 -26.96 7.41 -47.25
CA SER A 363 -28.21 7.61 -46.54
C SER A 363 -28.12 6.90 -45.18
N ASP A 364 -29.11 7.12 -44.31
CA ASP A 364 -29.11 6.47 -43.01
C ASP A 364 -29.28 4.96 -43.24
N ALA A 365 -30.26 4.62 -44.07
CA ALA A 365 -30.58 3.24 -44.39
C ALA A 365 -29.36 2.49 -44.92
N GLU A 366 -28.64 3.12 -45.85
CA GLU A 366 -27.46 2.51 -46.43
C GLU A 366 -26.36 2.32 -45.39
N LEU A 367 -26.19 3.32 -44.53
CA LEU A 367 -25.18 3.22 -43.49
C LEU A 367 -25.53 2.06 -42.58
N ALA A 368 -26.81 1.94 -42.23
CA ALA A 368 -27.28 0.83 -41.39
C ALA A 368 -27.15 -0.47 -42.19
N ARG A 369 -27.45 -0.42 -43.48
CA ARG A 369 -27.35 -1.61 -44.33
C ARG A 369 -25.89 -2.12 -44.36
N CYS A 370 -24.95 -1.20 -44.42
CA CYS A 370 -23.53 -1.53 -44.44
C CYS A 370 -23.14 -2.22 -43.14
N ILE A 371 -23.36 -1.55 -42.00
CA ILE A 371 -23.04 -2.07 -40.67
C ILE A 371 -23.54 -3.51 -40.48
N PHE A 372 -24.84 -3.71 -40.68
CA PHE A 372 -25.47 -5.02 -40.50
C PHE A 372 -24.93 -6.13 -41.39
N ASP A 373 -24.85 -5.91 -42.70
CA ASP A 373 -24.34 -6.94 -43.60
C ASP A 373 -22.90 -7.28 -43.24
N SER A 374 -22.12 -6.26 -42.92
CA SER A 374 -20.73 -6.44 -42.55
C SER A 374 -20.57 -7.23 -41.26
N LEU A 375 -21.41 -6.94 -40.26
CA LEU A 375 -21.36 -7.65 -38.98
C LEU A 375 -21.68 -9.14 -39.14
N ALA A 376 -22.80 -9.44 -39.79
CA ALA A 376 -23.20 -10.82 -40.01
C ALA A 376 -22.05 -11.54 -40.75
N LEU A 377 -21.49 -10.88 -41.76
CA LEU A 377 -20.40 -11.48 -42.53
C LEU A 377 -19.18 -11.71 -41.62
N LEU A 378 -18.88 -10.75 -40.76
CA LEU A 378 -17.75 -10.90 -39.86
C LEU A 378 -18.08 -12.06 -38.92
N TYR A 379 -19.29 -12.06 -38.39
CA TYR A 379 -19.71 -13.11 -37.47
C TYR A 379 -19.57 -14.50 -38.11
N ALA A 380 -20.08 -14.64 -39.33
CA ALA A 380 -20.02 -15.89 -40.05
C ALA A 380 -18.57 -16.33 -40.28
N ASP A 381 -17.68 -15.37 -40.51
CA ASP A 381 -16.27 -15.66 -40.72
C ASP A 381 -15.64 -16.14 -39.41
N VAL A 382 -15.90 -15.40 -38.32
CA VAL A 382 -15.37 -15.76 -37.02
C VAL A 382 -15.87 -17.14 -36.60
N LEU A 383 -17.17 -17.40 -36.76
CA LEU A 383 -17.71 -18.70 -36.36
C LEU A 383 -16.96 -19.81 -37.09
N HIS A 384 -16.62 -19.52 -38.36
CA HIS A 384 -15.89 -20.44 -39.22
C HIS A 384 -14.47 -20.68 -38.70
N GLU A 385 -13.88 -19.64 -38.12
CA GLU A 385 -12.53 -19.74 -37.56
C GLU A 385 -12.55 -20.67 -36.36
N LEU A 386 -13.59 -20.51 -35.54
CA LEU A 386 -13.80 -21.29 -34.34
C LEU A 386 -14.07 -22.77 -34.62
N ALA A 387 -14.80 -23.06 -35.70
CA ALA A 387 -15.09 -24.45 -36.03
C ALA A 387 -13.79 -25.09 -36.50
N GLN A 388 -13.02 -24.36 -37.31
CA GLN A 388 -11.77 -24.86 -37.81
C GLN A 388 -10.79 -25.10 -36.66
N LEU A 389 -10.89 -24.29 -35.61
CA LEU A 389 -10.00 -24.45 -34.47
C LEU A 389 -10.30 -25.70 -33.65
N ARG A 390 -11.54 -25.83 -33.18
CA ARG A 390 -11.94 -26.97 -32.36
C ARG A 390 -12.03 -28.24 -33.20
N GLY A 391 -12.12 -28.07 -34.52
CA GLY A 391 -12.21 -29.21 -35.40
C GLY A 391 -13.61 -29.57 -35.87
N GLU A 392 -14.62 -28.76 -35.59
CA GLU A 392 -15.97 -29.13 -36.06
C GLU A 392 -17.05 -28.06 -36.00
N ASP A 393 -17.83 -27.99 -37.09
CA ASP A 393 -18.93 -27.06 -37.26
C ASP A 393 -19.84 -26.97 -36.03
N PHE A 394 -20.61 -25.89 -35.97
CA PHE A 394 -21.53 -25.69 -34.88
C PHE A 394 -22.91 -25.94 -35.44
N SER A 395 -23.86 -26.32 -34.58
CA SER A 395 -25.21 -26.61 -35.01
C SER A 395 -26.16 -25.50 -34.61
N GLN A 396 -25.77 -24.73 -33.60
CA GLN A 396 -26.60 -23.64 -33.12
C GLN A 396 -25.80 -22.45 -32.64
N LEU A 397 -26.36 -21.26 -32.84
CA LEU A 397 -25.72 -20.03 -32.40
C LEU A 397 -26.65 -19.33 -31.43
N HIS A 398 -26.15 -19.10 -30.21
CA HIS A 398 -26.92 -18.42 -29.17
C HIS A 398 -26.51 -16.94 -29.11
N ILE A 399 -27.46 -16.03 -29.28
CA ILE A 399 -27.13 -14.60 -29.22
C ILE A 399 -27.74 -14.03 -27.93
N VAL A 400 -26.91 -13.47 -27.06
CA VAL A 400 -27.40 -12.91 -25.81
C VAL A 400 -26.91 -11.49 -25.58
N GLY A 401 -27.60 -10.75 -24.72
CA GLY A 401 -27.22 -9.38 -24.45
C GLY A 401 -28.09 -8.38 -25.18
N GLY A 402 -27.85 -7.10 -24.96
CA GLY A 402 -28.63 -6.05 -25.60
C GLY A 402 -28.83 -6.20 -27.08
N GLY A 403 -27.83 -6.74 -27.78
CA GLY A 403 -27.90 -6.91 -29.22
C GLY A 403 -28.75 -8.05 -29.78
N CYS A 404 -29.21 -8.96 -28.92
CA CYS A 404 -30.03 -10.09 -29.39
C CYS A 404 -31.47 -9.65 -29.67
N GLN A 405 -31.75 -8.38 -29.42
CA GLN A 405 -33.07 -7.81 -29.65
C GLN A 405 -33.26 -7.38 -31.11
N ASN A 406 -32.16 -7.10 -31.80
CA ASN A 406 -32.23 -6.69 -33.20
C ASN A 406 -32.55 -7.92 -34.07
N THR A 407 -33.83 -8.12 -34.39
CA THR A 407 -34.22 -9.28 -35.20
C THR A 407 -33.65 -9.24 -36.62
N LEU A 408 -33.36 -8.05 -37.14
CA LEU A 408 -32.79 -7.96 -38.49
C LEU A 408 -31.38 -8.52 -38.45
N LEU A 409 -30.64 -8.19 -37.41
CA LEU A 409 -29.28 -8.70 -37.30
C LEU A 409 -29.34 -10.21 -37.02
N ASN A 410 -30.28 -10.62 -36.17
CA ASN A 410 -30.42 -12.04 -35.84
C ASN A 410 -30.74 -12.94 -37.04
N GLN A 411 -31.53 -12.44 -37.98
CA GLN A 411 -31.89 -13.23 -39.15
C GLN A 411 -30.76 -13.20 -40.15
N LEU A 412 -29.96 -12.14 -40.13
CA LEU A 412 -28.84 -12.05 -41.04
C LEU A 412 -27.72 -12.99 -40.62
N CYS A 413 -27.49 -13.12 -39.31
CA CYS A 413 -26.44 -14.01 -38.81
C CYS A 413 -26.77 -15.44 -39.17
N ALA A 414 -28.04 -15.81 -39.01
CA ALA A 414 -28.52 -17.16 -39.34
C ALA A 414 -28.33 -17.45 -40.81
N ASP A 415 -28.74 -16.51 -41.67
CA ASP A 415 -28.61 -16.68 -43.11
C ASP A 415 -27.15 -16.71 -43.53
N ALA A 416 -26.34 -15.90 -42.87
CA ALA A 416 -24.93 -15.82 -43.21
C ALA A 416 -24.13 -16.99 -42.68
N CYS A 417 -24.54 -17.51 -41.52
CA CYS A 417 -23.85 -18.64 -40.89
C CYS A 417 -24.41 -19.97 -41.35
N GLY A 418 -25.60 -19.95 -41.95
CA GLY A 418 -26.22 -21.18 -42.41
C GLY A 418 -26.49 -22.00 -41.16
N ILE A 419 -26.56 -21.29 -40.04
CA ILE A 419 -26.78 -21.94 -38.78
C ILE A 419 -28.00 -21.38 -38.07
N ARG A 420 -28.69 -22.23 -37.33
CA ARG A 420 -29.86 -21.82 -36.57
C ARG A 420 -29.41 -20.89 -35.42
N VAL A 421 -30.19 -19.84 -35.19
CA VAL A 421 -29.89 -18.85 -34.16
C VAL A 421 -30.98 -18.76 -33.11
N ILE A 422 -30.58 -18.89 -31.84
CA ILE A 422 -31.52 -18.76 -30.73
C ILE A 422 -31.11 -17.47 -30.01
N ALA A 423 -32.02 -16.51 -29.98
CA ALA A 423 -31.76 -15.24 -29.33
C ALA A 423 -32.26 -15.19 -27.91
N GLY A 424 -31.43 -14.67 -27.00
CA GLY A 424 -31.86 -14.58 -25.62
C GLY A 424 -31.01 -15.37 -24.66
N PRO A 425 -31.00 -14.98 -23.38
CA PRO A 425 -31.78 -13.83 -22.90
C PRO A 425 -31.04 -12.50 -23.08
N VAL A 426 -31.76 -11.38 -22.95
CA VAL A 426 -31.19 -10.05 -23.09
C VAL A 426 -30.42 -9.63 -21.84
N GLU A 427 -30.89 -10.08 -20.69
CA GLU A 427 -30.22 -9.76 -19.44
C GLU A 427 -29.25 -10.89 -19.10
N ALA A 428 -28.40 -11.23 -20.05
CA ALA A 428 -27.46 -12.33 -19.86
C ALA A 428 -26.48 -12.16 -18.69
N SER A 429 -25.81 -11.01 -18.60
CA SER A 429 -24.87 -10.74 -17.52
C SER A 429 -25.50 -10.82 -16.15
N THR A 430 -26.67 -10.21 -15.99
CA THR A 430 -27.37 -10.20 -14.73
C THR A 430 -27.89 -11.57 -14.35
N LEU A 431 -28.38 -12.31 -15.34
CA LEU A 431 -28.89 -13.65 -15.09
C LEU A 431 -27.79 -14.60 -14.66
N GLY A 432 -26.63 -14.50 -15.29
CA GLY A 432 -25.51 -15.35 -14.93
C GLY A 432 -25.05 -15.06 -13.51
N ASN A 433 -25.04 -13.79 -13.14
CA ASN A 433 -24.67 -13.31 -11.81
C ASN A 433 -25.55 -14.04 -10.79
N ILE A 434 -26.85 -13.97 -11.01
CA ILE A 434 -27.82 -14.61 -10.12
C ILE A 434 -27.65 -16.13 -10.09
N GLY A 435 -27.46 -16.73 -11.27
CA GLY A 435 -27.28 -18.16 -11.35
C GLY A 435 -26.22 -18.68 -10.40
N ILE A 436 -25.05 -18.04 -10.39
CA ILE A 436 -24.00 -18.48 -9.49
C ILE A 436 -24.42 -18.29 -8.04
N GLN A 437 -25.16 -17.22 -7.74
CA GLN A 437 -25.60 -16.98 -6.37
C GLN A 437 -26.48 -18.14 -5.93
N LEU A 438 -27.45 -18.50 -6.79
CA LEU A 438 -28.36 -19.60 -6.51
C LEU A 438 -27.67 -20.95 -6.29
N MET A 439 -26.52 -21.15 -6.93
CA MET A 439 -25.76 -22.39 -6.80
C MET A 439 -25.11 -22.40 -5.40
N THR A 440 -24.84 -21.21 -4.89
CA THR A 440 -24.22 -21.05 -3.58
C THR A 440 -25.26 -21.13 -2.46
N LEU A 441 -26.50 -20.78 -2.80
CA LEU A 441 -27.60 -20.85 -1.86
C LEU A 441 -28.15 -22.27 -1.87
N ASP A 442 -27.63 -23.09 -2.79
CA ASP A 442 -28.07 -24.49 -2.89
C ASP A 442 -29.47 -24.66 -3.51
N GLU A 443 -29.86 -23.73 -4.39
CA GLU A 443 -31.14 -23.78 -5.07
C GLU A 443 -31.02 -24.53 -6.41
N LEU A 444 -29.84 -24.46 -7.02
CA LEU A 444 -29.55 -25.14 -8.29
C LEU A 444 -28.23 -25.91 -8.13
N ASN A 445 -28.09 -27.03 -8.83
CA ASN A 445 -26.88 -27.88 -8.71
C ASN A 445 -25.68 -27.50 -9.58
N ASN A 446 -25.92 -26.88 -10.73
CA ASN A 446 -24.81 -26.51 -11.61
C ASN A 446 -25.23 -25.59 -12.75
N VAL A 447 -24.29 -25.28 -13.65
CA VAL A 447 -24.61 -24.38 -14.75
C VAL A 447 -25.71 -24.94 -15.66
N ASP A 448 -25.54 -26.17 -16.14
CA ASP A 448 -26.55 -26.78 -17.00
C ASP A 448 -27.93 -26.73 -16.34
N ASP A 449 -27.96 -26.92 -15.02
CA ASP A 449 -29.22 -26.87 -14.28
C ASP A 449 -29.77 -25.44 -14.42
N PHE A 450 -28.92 -24.44 -14.25
CA PHE A 450 -29.36 -23.06 -14.38
C PHE A 450 -29.79 -22.78 -15.84
N ARG A 451 -28.98 -23.21 -16.79
CA ARG A 451 -29.31 -22.98 -18.19
C ARG A 451 -30.67 -23.57 -18.55
N GLN A 452 -31.05 -24.67 -17.91
CA GLN A 452 -32.34 -25.29 -18.18
C GLN A 452 -33.43 -24.36 -17.66
N VAL A 453 -33.18 -23.79 -16.48
CA VAL A 453 -34.13 -22.85 -15.90
C VAL A 453 -34.34 -21.75 -16.93
N VAL A 454 -33.23 -21.19 -17.42
CA VAL A 454 -33.21 -20.13 -18.43
C VAL A 454 -33.93 -20.52 -19.73
N SER A 455 -33.62 -21.69 -20.26
CA SER A 455 -34.27 -22.12 -21.50
C SER A 455 -35.79 -22.18 -21.37
N THR A 456 -36.30 -22.36 -20.14
CA THR A 456 -37.74 -22.41 -19.95
C THR A 456 -38.27 -21.09 -19.38
N THR A 457 -37.41 -20.38 -18.65
CA THR A 457 -37.77 -19.12 -18.02
C THR A 457 -37.81 -17.97 -19.00
N ALA A 458 -36.73 -17.81 -19.75
CA ALA A 458 -36.60 -16.74 -20.74
C ALA A 458 -37.27 -17.10 -22.07
N ASN A 459 -37.97 -16.16 -22.67
CA ASN A 459 -38.59 -16.45 -23.95
C ASN A 459 -37.51 -16.36 -25.02
N LEU A 460 -36.99 -17.51 -25.43
CA LEU A 460 -35.94 -17.56 -26.44
C LEU A 460 -36.57 -17.53 -27.82
N THR A 461 -35.86 -16.94 -28.78
CA THR A 461 -36.37 -16.83 -30.15
C THR A 461 -35.49 -17.54 -31.18
N THR A 462 -36.07 -18.50 -31.90
CA THR A 462 -35.32 -19.21 -32.92
C THR A 462 -35.42 -18.52 -34.26
N PHE A 463 -34.28 -18.31 -34.90
CA PHE A 463 -34.21 -17.70 -36.21
C PHE A 463 -33.61 -18.77 -37.11
N THR A 464 -34.36 -19.17 -38.12
CA THR A 464 -33.90 -20.20 -39.03
C THR A 464 -33.13 -19.67 -40.24
N PRO A 465 -32.08 -20.39 -40.65
CA PRO A 465 -31.33 -19.92 -41.82
C PRO A 465 -32.22 -19.94 -43.07
N ASN A 466 -32.02 -18.96 -43.94
CA ASN A 466 -32.78 -18.83 -45.18
C ASN A 466 -31.81 -18.81 -46.35
N PRO A 467 -31.66 -19.97 -47.04
CA PRO A 467 -30.77 -20.13 -48.20
C PRO A 467 -31.16 -19.25 -49.40
N ASP A 468 -32.36 -18.68 -49.38
CA ASP A 468 -32.78 -17.80 -50.47
C ASP A 468 -32.60 -16.33 -50.12
N SER A 469 -31.86 -16.07 -49.04
CA SER A 469 -31.60 -14.70 -48.61
C SER A 469 -30.47 -14.12 -49.44
N GLU A 470 -30.48 -12.80 -49.63
CA GLU A 470 -29.45 -12.14 -50.42
C GLU A 470 -28.08 -12.41 -49.80
N ILE A 471 -27.97 -12.25 -48.48
CA ILE A 471 -26.69 -12.47 -47.82
C ILE A 471 -26.25 -13.93 -47.95
N ALA A 472 -27.21 -14.85 -47.97
CA ALA A 472 -26.87 -16.28 -48.13
C ALA A 472 -26.27 -16.48 -49.52
N HIS A 473 -26.94 -15.94 -50.54
CA HIS A 473 -26.45 -16.05 -51.92
C HIS A 473 -25.00 -15.53 -51.98
N TYR A 474 -24.82 -14.34 -51.42
CA TYR A 474 -23.52 -13.68 -51.39
C TYR A 474 -22.41 -14.60 -50.86
N VAL A 475 -22.60 -15.12 -49.66
CA VAL A 475 -21.62 -16.02 -49.06
C VAL A 475 -21.33 -17.20 -50.00
N ALA A 476 -22.41 -17.82 -50.48
CA ALA A 476 -22.32 -18.95 -51.38
C ALA A 476 -21.44 -18.70 -52.60
N LEU A 477 -21.63 -17.57 -53.28
CA LEU A 477 -20.85 -17.26 -54.47
C LEU A 477 -19.42 -16.81 -54.23
N ILE A 478 -19.12 -16.30 -53.04
CA ILE A 478 -17.75 -15.89 -52.76
C ILE A 478 -17.03 -17.06 -52.08
N HIS A 479 -17.63 -18.24 -52.21
CA HIS A 479 -17.09 -19.47 -51.64
C HIS A 479 -17.11 -20.57 -52.68
N SER A 480 -17.06 -20.24 -53.90
N THR B 2 46.28 -5.83 32.08
CA THR B 2 45.34 -5.13 33.01
C THR B 2 44.35 -4.28 32.20
N PHE B 3 43.80 -4.85 31.14
CA PHE B 3 42.85 -4.13 30.31
C PHE B 3 41.63 -4.97 29.95
N ARG B 4 40.54 -4.27 29.63
CA ARG B 4 39.31 -4.92 29.26
C ARG B 4 38.86 -4.39 27.92
N ASN B 5 38.37 -5.27 27.06
CA ASN B 5 37.88 -4.86 25.76
C ASN B 5 36.37 -5.08 25.72
N CYS B 6 35.63 -4.04 25.37
CA CYS B 6 34.19 -4.15 25.31
C CYS B 6 33.66 -3.79 23.94
N VAL B 7 32.67 -4.55 23.50
CA VAL B 7 32.08 -4.27 22.22
C VAL B 7 30.72 -3.61 22.38
N ALA B 8 30.54 -2.50 21.66
CA ALA B 8 29.30 -1.77 21.70
C ALA B 8 28.62 -1.86 20.35
N VAL B 9 27.37 -2.32 20.37
CA VAL B 9 26.60 -2.39 19.15
C VAL B 9 25.64 -1.20 19.20
N ASP B 10 25.99 -0.17 18.44
CA ASP B 10 25.20 1.05 18.40
C ASP B 10 24.44 1.11 17.09
N LEU B 11 23.12 1.09 17.17
CA LEU B 11 22.28 1.13 15.98
C LEU B 11 21.42 2.37 15.95
N GLY B 12 21.42 3.03 14.80
CA GLY B 12 20.60 4.21 14.61
C GLY B 12 19.64 3.89 13.48
N ALA B 13 18.70 4.80 13.22
CA ALA B 13 17.72 4.64 12.14
C ALA B 13 18.34 4.68 10.74
N SER B 14 19.51 5.29 10.62
CA SER B 14 20.16 5.39 9.32
C SER B 14 21.42 4.55 9.19
N SER B 15 21.96 4.09 10.30
CA SER B 15 23.18 3.30 10.27
C SER B 15 23.36 2.50 11.55
N GLY B 16 24.29 1.55 11.50
CA GLY B 16 24.59 0.72 12.66
C GLY B 16 26.11 0.63 12.79
N ARG B 17 26.61 0.39 14.00
CA ARG B 17 28.05 0.28 14.21
C ARG B 17 28.44 -0.79 15.21
N VAL B 18 29.60 -1.39 14.99
CA VAL B 18 30.14 -2.37 15.91
C VAL B 18 31.44 -1.70 16.38
N MET B 19 31.40 -1.12 17.58
CA MET B 19 32.54 -0.43 18.16
C MET B 19 33.24 -1.28 19.22
N LEU B 20 34.56 -1.17 19.28
CA LEU B 20 35.37 -1.91 20.22
C LEU B 20 36.08 -0.88 21.10
N ALA B 21 35.87 -0.96 22.41
CA ALA B 21 36.51 -0.02 23.31
C ALA B 21 37.54 -0.72 24.19
N ARG B 22 38.62 -0.02 24.49
CA ARG B 22 39.67 -0.57 25.33
C ARG B 22 39.83 0.24 26.61
N TYR B 23 39.53 -0.36 27.76
CA TYR B 23 39.67 0.33 29.02
C TYR B 23 40.92 -0.11 29.75
N GLU B 24 41.78 0.85 30.02
CA GLU B 24 43.02 0.62 30.73
C GLU B 24 42.72 1.15 32.12
N ARG B 25 42.48 0.24 33.07
CA ARG B 25 42.17 0.62 34.43
C ARG B 25 43.33 1.38 35.06
N GLU B 26 44.53 0.97 34.71
CA GLU B 26 45.74 1.61 35.22
C GLU B 26 45.75 3.09 34.98
N CYS B 27 45.78 3.46 33.70
CA CYS B 27 45.83 4.85 33.27
C CYS B 27 44.48 5.54 33.35
N ARG B 28 43.44 4.78 33.64
CA ARG B 28 42.12 5.41 33.75
C ARG B 28 41.74 5.85 32.32
N SER B 29 42.33 5.19 31.33
CA SER B 29 42.08 5.54 29.93
C SER B 29 41.12 4.63 29.16
N LEU B 30 40.29 5.26 28.34
CA LEU B 30 39.31 4.59 27.51
C LEU B 30 39.45 5.04 26.06
N THR B 31 39.60 4.09 25.14
CA THR B 31 39.73 4.42 23.72
C THR B 31 38.72 3.69 22.84
N LEU B 32 38.19 4.38 21.82
CA LEU B 32 37.23 3.79 20.89
C LEU B 32 37.88 3.37 19.59
N ARG B 33 37.15 2.61 18.79
CA ARG B 33 37.69 2.12 17.52
C ARG B 33 36.60 1.41 16.71
N GLU B 34 36.19 2.01 15.60
CA GLU B 34 35.16 1.39 14.76
C GLU B 34 35.65 0.10 14.10
N ILE B 35 34.88 -0.97 14.28
CA ILE B 35 35.25 -2.26 13.72
C ILE B 35 34.51 -2.57 12.43
N HIS B 36 33.25 -2.17 12.37
CA HIS B 36 32.41 -2.43 11.21
C HIS B 36 31.22 -1.49 11.15
N ARG B 37 30.93 -0.98 9.96
CA ARG B 37 29.80 -0.10 9.77
C ARG B 37 28.85 -0.77 8.79
N PHE B 38 27.58 -0.39 8.85
CA PHE B 38 26.58 -0.91 7.94
C PHE B 38 25.40 0.06 7.85
N ASN B 39 24.63 -0.04 6.77
CA ASN B 39 23.49 0.82 6.56
C ASN B 39 22.26 0.26 7.23
N ASN B 40 21.38 1.15 7.65
CA ASN B 40 20.12 0.73 8.24
C ASN B 40 19.16 1.61 7.49
N GLY B 41 17.91 1.19 7.42
CA GLY B 41 16.94 2.00 6.73
C GLY B 41 15.58 1.36 6.73
N LEU B 42 14.58 2.21 6.58
CA LEU B 42 13.21 1.75 6.54
C LEU B 42 13.04 1.08 5.18
N HIS B 43 12.22 0.05 5.16
CA HIS B 43 11.91 -0.67 3.95
C HIS B 43 10.38 -0.63 3.85
N SER B 44 9.86 -0.90 2.66
CA SER B 44 8.41 -0.90 2.48
C SER B 44 7.96 -2.25 1.94
N GLN B 45 7.83 -3.22 2.85
CA GLN B 45 7.41 -4.58 2.51
C GLN B 45 5.92 -4.72 2.19
N ASN B 46 5.45 -3.95 1.22
CA ASN B 46 4.07 -3.99 0.78
C ASN B 46 3.06 -3.29 1.68
N GLY B 47 3.07 -1.97 1.63
CA GLY B 47 2.16 -1.18 2.45
C GLY B 47 2.70 -0.95 3.84
N TYR B 48 3.64 -1.78 4.26
CA TYR B 48 4.24 -1.68 5.58
C TYR B 48 5.64 -1.07 5.55
N VAL B 49 5.97 -0.27 6.57
CA VAL B 49 7.31 0.30 6.66
C VAL B 49 7.99 -0.61 7.66
N THR B 50 9.11 -1.18 7.29
CA THR B 50 9.75 -2.14 8.19
C THR B 50 11.27 -2.04 8.33
N TRP B 51 11.81 -2.73 9.33
CA TRP B 51 13.27 -2.77 9.54
C TRP B 51 13.75 -4.15 9.11
N ASP B 52 14.84 -4.19 8.36
CA ASP B 52 15.40 -5.48 7.93
C ASP B 52 16.21 -6.04 9.11
N VAL B 53 15.51 -6.45 10.17
CA VAL B 53 16.18 -7.00 11.36
C VAL B 53 17.18 -8.10 11.00
N ASP B 54 16.81 -8.99 10.09
CA ASP B 54 17.69 -10.07 9.68
C ASP B 54 18.99 -9.59 9.06
N SER B 55 18.95 -8.50 8.31
CA SER B 55 20.19 -7.97 7.72
C SER B 55 21.03 -7.34 8.85
N LEU B 56 20.35 -6.72 9.81
CA LEU B 56 21.05 -6.12 10.93
C LEU B 56 21.69 -7.23 11.78
N GLU B 57 20.98 -8.35 11.98
CA GLU B 57 21.54 -9.45 12.76
C GLU B 57 22.83 -9.96 12.08
N SER B 58 22.85 -9.99 10.74
CA SER B 58 24.03 -10.41 10.00
C SER B 58 25.19 -9.47 10.24
N ALA B 59 24.92 -8.17 10.03
CA ALA B 59 25.94 -7.13 10.19
C ALA B 59 26.53 -7.13 11.60
N ILE B 60 25.69 -7.35 12.61
CA ILE B 60 26.20 -7.38 13.96
C ILE B 60 27.12 -8.59 14.11
N ARG B 61 26.64 -9.76 13.67
CA ARG B 61 27.44 -10.98 13.76
C ARG B 61 28.76 -10.82 13.00
N LEU B 62 28.69 -10.18 11.84
CA LEU B 62 29.89 -9.96 11.04
C LEU B 62 30.94 -9.18 11.84
N GLY B 63 30.51 -8.15 12.53
CA GLY B 63 31.41 -7.34 13.33
C GLY B 63 31.87 -8.02 14.60
N LEU B 64 30.97 -8.78 15.22
CA LEU B 64 31.33 -9.48 16.44
C LEU B 64 32.46 -10.43 16.05
N ASN B 65 32.24 -11.10 14.92
CA ASN B 65 33.18 -12.06 14.39
C ASN B 65 34.45 -11.41 13.85
N LYS B 66 34.34 -10.23 13.24
CA LYS B 66 35.54 -9.58 12.73
C LYS B 66 36.48 -9.29 13.87
N VAL B 67 35.93 -9.09 15.07
CA VAL B 67 36.77 -8.81 16.23
C VAL B 67 37.46 -10.10 16.69
N CYS B 68 36.70 -11.19 16.81
CA CYS B 68 37.29 -12.45 17.24
C CYS B 68 38.36 -12.99 16.29
N ALA B 69 38.18 -12.76 14.99
CA ALA B 69 39.15 -13.22 14.01
C ALA B 69 40.44 -12.43 14.15
N ALA B 70 40.32 -11.23 14.73
CA ALA B 70 41.47 -10.36 14.94
C ALA B 70 42.18 -10.70 16.25
N GLY B 71 41.95 -11.92 16.74
CA GLY B 71 42.59 -12.36 17.96
C GLY B 71 42.49 -11.45 19.17
N ILE B 72 41.44 -10.65 19.24
CA ILE B 72 41.25 -9.74 20.36
C ILE B 72 40.27 -10.36 21.37
N ALA B 73 40.62 -10.30 22.66
CA ALA B 73 39.77 -10.86 23.70
C ALA B 73 38.61 -9.93 24.01
N ILE B 74 37.41 -10.50 24.09
CA ILE B 74 36.20 -9.74 24.35
C ILE B 74 35.61 -10.09 25.70
N ASP B 75 35.53 -9.09 26.57
CA ASP B 75 35.01 -9.26 27.92
C ASP B 75 33.50 -9.11 28.05
N SER B 76 32.89 -8.37 27.13
CA SER B 76 31.44 -8.17 27.15
C SER B 76 30.94 -7.48 25.88
N ILE B 77 29.66 -7.68 25.57
CA ILE B 77 28.99 -7.11 24.42
C ILE B 77 27.79 -6.33 24.96
N GLY B 78 27.40 -5.28 24.25
CA GLY B 78 26.25 -4.47 24.65
C GLY B 78 25.54 -3.85 23.46
N ILE B 79 24.21 -3.91 23.43
CA ILE B 79 23.48 -3.33 22.31
C ILE B 79 22.54 -2.22 22.76
N ASP B 80 22.54 -1.12 22.01
CA ASP B 80 21.64 -0.01 22.27
C ASP B 80 21.06 0.37 20.92
N THR B 81 19.80 0.78 20.92
CA THR B 81 19.15 1.18 19.67
C THR B 81 18.12 2.29 19.91
N TRP B 82 17.42 2.63 18.85
CA TRP B 82 16.37 3.62 18.94
C TRP B 82 15.29 2.92 19.79
N GLY B 83 14.34 3.68 20.33
CA GLY B 83 13.33 3.05 21.14
C GLY B 83 12.01 2.79 20.46
N VAL B 84 11.02 2.48 21.29
CA VAL B 84 9.67 2.25 20.83
C VAL B 84 9.44 0.97 20.03
N ASP B 85 10.29 0.70 19.06
CA ASP B 85 10.05 -0.48 18.26
C ASP B 85 10.34 -1.83 18.91
N PHE B 86 9.64 -2.85 18.42
CA PHE B 86 9.75 -4.17 18.99
C PHE B 86 9.55 -5.21 17.94
N VAL B 87 9.82 -6.44 18.31
CA VAL B 87 9.68 -7.58 17.42
C VAL B 87 8.91 -8.62 18.18
N LEU B 88 7.93 -9.22 17.52
CA LEU B 88 7.08 -10.24 18.12
C LEU B 88 7.65 -11.62 17.85
N LEU B 89 7.57 -12.49 18.84
CA LEU B 89 8.06 -13.86 18.74
C LEU B 89 7.01 -14.87 19.20
N ASP B 90 7.00 -16.05 18.57
CA ASP B 90 6.08 -17.11 18.98
C ASP B 90 6.89 -17.99 19.93
N GLN B 91 6.22 -18.91 20.62
CA GLN B 91 6.89 -19.77 21.59
C GLN B 91 8.09 -20.56 21.07
N GLN B 92 8.13 -20.80 19.76
CA GLN B 92 9.22 -21.54 19.15
C GLN B 92 10.39 -20.60 18.86
N GLY B 93 10.26 -19.34 19.27
CA GLY B 93 11.32 -18.37 19.05
C GLY B 93 11.32 -17.85 17.61
N GLN B 94 10.20 -18.03 16.92
CA GLN B 94 10.08 -17.58 15.53
C GLN B 94 9.35 -16.24 15.45
N ARG B 95 9.82 -15.37 14.57
CA ARG B 95 9.20 -14.07 14.38
C ARG B 95 7.76 -14.22 13.94
N VAL B 96 6.90 -13.38 14.51
CA VAL B 96 5.48 -13.40 14.22
C VAL B 96 5.10 -12.12 13.52
N GLY B 97 4.93 -12.21 12.21
CA GLY B 97 4.57 -11.04 11.43
C GLY B 97 5.85 -10.32 11.06
N LEU B 98 5.70 -9.09 10.59
CA LEU B 98 6.83 -8.27 10.18
C LEU B 98 7.30 -7.34 11.31
N PRO B 99 8.56 -6.89 11.26
CA PRO B 99 9.11 -5.99 12.28
C PRO B 99 8.74 -4.57 11.86
N VAL B 100 7.51 -4.17 12.19
CA VAL B 100 6.98 -2.87 11.82
C VAL B 100 7.69 -1.70 12.49
N ALA B 101 8.13 -0.75 11.68
CA ALA B 101 8.84 0.44 12.16
C ALA B 101 7.89 1.45 12.78
N TYR B 102 8.45 2.38 13.56
CA TYR B 102 7.66 3.42 14.21
C TYR B 102 7.11 4.39 13.16
N ARG B 103 7.75 4.40 11.99
CA ARG B 103 7.36 5.28 10.90
C ARG B 103 6.24 4.74 10.00
N ASP B 104 5.47 3.78 10.52
CA ASP B 104 4.39 3.21 9.73
C ASP B 104 3.13 4.03 10.00
N SER B 105 2.13 3.91 9.15
CA SER B 105 0.91 4.70 9.33
C SER B 105 -0.18 3.98 10.12
N ARG B 106 0.03 2.70 10.42
CA ARG B 106 -0.95 1.91 11.16
C ARG B 106 -1.47 2.55 12.45
N THR B 107 -0.69 3.43 13.07
CA THR B 107 -1.11 4.05 14.32
C THR B 107 -1.84 5.38 14.21
N ASN B 108 -2.08 5.83 12.98
CA ASN B 108 -2.76 7.09 12.76
C ASN B 108 -4.13 7.10 13.42
N GLY B 109 -4.37 8.11 14.25
CA GLY B 109 -5.64 8.23 14.95
C GLY B 109 -5.73 7.58 16.31
N LEU B 110 -4.90 6.57 16.58
CA LEU B 110 -4.98 5.88 17.87
C LEU B 110 -4.56 6.70 19.11
N MET B 111 -3.53 7.54 19.00
CA MET B 111 -3.11 8.36 20.13
C MET B 111 -4.31 9.17 20.63
N ALA B 112 -4.94 9.91 19.72
CA ALA B 112 -6.10 10.73 20.07
C ALA B 112 -7.22 9.88 20.69
N GLN B 113 -7.33 8.64 20.23
CA GLN B 113 -8.36 7.75 20.75
C GLN B 113 -8.08 7.36 22.20
N ALA B 114 -6.82 7.06 22.50
CA ALA B 114 -6.42 6.67 23.85
C ALA B 114 -6.72 7.77 24.89
N GLN B 115 -6.54 9.02 24.50
CA GLN B 115 -6.77 10.13 25.41
C GLN B 115 -8.26 10.32 25.68
N GLN B 116 -9.08 10.03 24.68
CA GLN B 116 -10.51 10.17 24.84
C GLN B 116 -11.04 9.05 25.71
N GLN B 117 -10.50 7.84 25.52
CA GLN B 117 -10.98 6.70 26.28
C GLN B 117 -10.41 6.52 27.69
N LEU B 118 -9.11 6.72 27.90
CA LEU B 118 -8.54 6.55 29.23
C LEU B 118 -8.34 7.88 29.94
N GLY B 119 -7.95 8.90 29.19
CA GLY B 119 -7.72 10.20 29.78
C GLY B 119 -6.27 10.65 29.65
N LYS B 120 -6.09 11.81 29.05
CA LYS B 120 -4.78 12.40 28.84
C LYS B 120 -3.96 12.35 30.15
N ARG B 121 -4.52 12.93 31.22
CA ARG B 121 -3.84 12.97 32.51
C ARG B 121 -3.62 11.61 33.15
N ASP B 122 -4.54 10.67 32.95
CA ASP B 122 -4.37 9.36 33.54
C ASP B 122 -3.21 8.61 32.89
N ILE B 123 -3.13 8.67 31.57
CA ILE B 123 -2.05 8.01 30.84
C ILE B 123 -0.72 8.66 31.20
N TYR B 124 -0.71 9.99 31.22
CA TYR B 124 0.49 10.72 31.53
C TYR B 124 0.96 10.50 32.98
N GLN B 125 0.01 10.53 33.92
CA GLN B 125 0.38 10.36 35.32
C GLN B 125 0.78 8.93 35.71
N ARG B 126 0.37 7.96 34.90
CA ARG B 126 0.70 6.56 35.16
C ARG B 126 2.09 6.23 34.59
N SER B 127 2.42 6.84 33.45
CA SER B 127 3.69 6.55 32.79
C SER B 127 4.71 7.69 32.78
N GLY B 128 4.24 8.93 32.89
CA GLY B 128 5.14 10.06 32.87
C GLY B 128 5.84 10.19 31.52
N ILE B 129 5.26 9.61 30.48
CA ILE B 129 5.83 9.67 29.14
C ILE B 129 4.99 10.55 28.20
N GLN B 130 5.67 11.35 27.39
CA GLN B 130 5.02 12.25 26.45
C GLN B 130 4.17 11.51 25.44
N PHE B 131 3.27 12.24 24.79
CA PHE B 131 2.40 11.67 23.78
C PHE B 131 2.97 11.80 22.37
N LEU B 132 3.57 10.73 21.87
CA LEU B 132 4.12 10.66 20.52
C LEU B 132 3.22 9.68 19.78
N PRO B 133 2.69 10.10 18.61
CA PRO B 133 1.78 9.27 17.79
C PRO B 133 2.23 7.84 17.51
N PHE B 134 3.53 7.59 17.59
CA PHE B 134 4.04 6.25 17.33
C PHE B 134 4.54 5.48 18.55
N ASN B 135 4.05 5.82 19.74
CA ASN B 135 4.48 5.11 20.96
C ASN B 135 4.05 3.64 20.92
N THR B 136 4.85 2.78 21.52
CA THR B 136 4.58 1.33 21.56
C THR B 136 3.12 1.05 21.90
N LEU B 137 2.62 1.78 22.89
CA LEU B 137 1.25 1.63 23.35
C LEU B 137 0.26 1.64 22.19
N TYR B 138 0.36 2.65 21.34
CA TYR B 138 -0.55 2.76 20.20
C TYR B 138 -0.20 1.73 19.11
N GLN B 139 1.08 1.36 19.01
CA GLN B 139 1.48 0.36 18.03
C GLN B 139 0.88 -0.99 18.40
N LEU B 140 0.86 -1.30 19.70
CA LEU B 140 0.30 -2.56 20.17
C LEU B 140 -1.21 -2.56 19.98
N ARG B 141 -1.84 -1.43 20.28
CA ARG B 141 -3.28 -1.30 20.07
C ARG B 141 -3.52 -1.53 18.58
N ALA B 142 -2.68 -0.91 17.76
CA ALA B 142 -2.80 -1.04 16.31
C ALA B 142 -2.66 -2.51 15.92
N LEU B 143 -1.65 -3.18 16.49
CA LEU B 143 -1.39 -4.58 16.19
C LEU B 143 -2.59 -5.46 16.43
N THR B 144 -3.30 -5.23 17.53
CA THR B 144 -4.46 -6.02 17.85
C THR B 144 -5.75 -5.61 17.13
N GLU B 145 -5.83 -4.36 16.71
CA GLU B 145 -7.04 -3.91 16.00
C GLU B 145 -7.01 -4.25 14.51
N GLN B 146 -5.82 -4.49 13.96
CA GLN B 146 -5.71 -4.77 12.53
C GLN B 146 -5.17 -6.14 12.14
N GLN B 147 -4.53 -6.82 13.08
CA GLN B 147 -3.98 -8.14 12.81
C GLN B 147 -4.49 -9.09 13.88
N PRO B 148 -5.80 -9.34 13.89
CA PRO B 148 -6.40 -10.23 14.89
C PRO B 148 -5.82 -11.65 14.83
N GLU B 149 -5.44 -12.08 13.63
CA GLU B 149 -4.91 -13.43 13.44
C GLU B 149 -3.60 -13.74 14.17
N LEU B 150 -2.69 -12.77 14.19
CA LEU B 150 -1.38 -12.95 14.82
C LEU B 150 -1.43 -13.12 16.34
N ILE B 151 -2.36 -12.40 16.97
CA ILE B 151 -2.49 -12.41 18.42
C ILE B 151 -2.28 -13.74 19.15
N PRO B 152 -2.95 -14.82 18.72
CA PRO B 152 -2.76 -16.11 19.42
C PRO B 152 -1.37 -16.74 19.26
N HIS B 153 -0.62 -16.32 18.25
CA HIS B 153 0.71 -16.88 18.02
C HIS B 153 1.79 -16.09 18.75
N ILE B 154 1.42 -14.94 19.31
CA ILE B 154 2.40 -14.12 20.01
C ILE B 154 2.66 -14.70 21.40
N ALA B 155 3.92 -14.92 21.70
CA ALA B 155 4.32 -15.45 22.98
C ALA B 155 5.19 -14.42 23.70
N HIS B 156 5.92 -13.63 22.92
CA HIS B 156 6.81 -12.63 23.49
C HIS B 156 6.94 -11.39 22.61
N ALA B 157 7.02 -10.24 23.26
CA ALA B 157 7.21 -8.97 22.57
C ALA B 157 8.54 -8.47 23.12
N LEU B 158 9.48 -8.19 22.26
CA LEU B 158 10.78 -7.73 22.72
C LEU B 158 11.17 -6.43 22.06
N LEU B 159 11.62 -5.47 22.85
CA LEU B 159 12.06 -4.19 22.31
C LEU B 159 13.30 -4.47 21.44
N MET B 160 13.50 -3.69 20.38
CA MET B 160 14.61 -3.91 19.45
C MET B 160 15.97 -4.26 20.03
N PRO B 161 16.41 -3.54 21.08
CA PRO B 161 17.72 -3.89 21.63
C PRO B 161 17.75 -5.30 22.23
N ASP B 162 16.70 -5.69 22.95
CA ASP B 162 16.68 -7.00 23.59
C ASP B 162 16.50 -8.13 22.58
N TYR B 163 15.89 -7.82 21.45
CA TYR B 163 15.69 -8.83 20.42
C TYR B 163 17.04 -9.27 19.90
N PHE B 164 17.85 -8.32 19.47
CA PHE B 164 19.16 -8.67 18.96
C PHE B 164 19.99 -9.37 20.01
N SER B 165 19.68 -9.11 21.28
CA SER B 165 20.40 -9.75 22.37
C SER B 165 19.89 -11.19 22.41
N TYR B 166 18.61 -11.36 22.09
CA TYR B 166 17.99 -12.67 22.07
C TYR B 166 18.56 -13.54 20.94
N ARG B 167 18.82 -12.92 19.79
CA ARG B 167 19.38 -13.62 18.65
C ARG B 167 20.81 -14.09 18.94
N LEU B 168 21.52 -13.33 19.78
CA LEU B 168 22.89 -13.67 20.11
C LEU B 168 23.04 -14.66 21.24
N THR B 169 22.13 -14.56 22.21
CA THR B 169 22.21 -15.40 23.40
C THR B 169 21.17 -16.47 23.54
N GLY B 170 19.99 -16.24 22.98
CA GLY B 170 18.91 -17.21 23.11
C GLY B 170 18.16 -16.94 24.40
N LYS B 171 18.56 -15.89 25.11
CA LYS B 171 17.92 -15.50 26.37
C LYS B 171 17.16 -14.20 26.13
N MET B 172 16.02 -14.04 26.81
CA MET B 172 15.20 -12.85 26.66
C MET B 172 15.38 -11.84 27.78
N ASN B 173 15.11 -10.58 27.47
CA ASN B 173 15.23 -9.52 28.45
C ASN B 173 14.32 -8.32 28.14
N TRP B 174 14.11 -7.48 29.14
CA TRP B 174 13.29 -6.29 29.00
C TRP B 174 13.97 -5.15 29.73
N GLU B 175 14.86 -4.48 29.03
CA GLU B 175 15.62 -3.39 29.61
C GLU B 175 14.75 -2.19 30.01
N TYR B 176 14.86 -1.84 31.29
CA TYR B 176 14.10 -0.73 31.88
C TYR B 176 14.07 0.59 31.09
N THR B 177 15.23 1.19 30.83
CA THR B 177 15.26 2.48 30.14
C THR B 177 14.58 2.47 28.77
N ASN B 178 14.82 1.46 27.95
CA ASN B 178 14.14 1.43 26.68
C ASN B 178 12.63 1.17 26.95
N ALA B 179 12.37 0.29 27.93
CA ALA B 179 11.00 -0.07 28.31
C ALA B 179 10.11 1.13 28.62
N THR B 180 10.67 2.14 29.29
CA THR B 180 9.86 3.30 29.64
C THR B 180 9.40 4.07 28.41
N THR B 181 10.11 3.95 27.29
CA THR B 181 9.72 4.68 26.07
C THR B 181 8.39 4.20 25.48
N THR B 182 7.93 3.02 25.87
CA THR B 182 6.69 2.47 25.31
C THR B 182 5.45 3.17 25.80
N GLN B 183 5.58 3.86 26.93
CA GLN B 183 4.47 4.55 27.58
C GLN B 183 3.56 3.45 28.14
N LEU B 184 4.16 2.30 28.45
CA LEU B 184 3.44 1.16 29.00
C LEU B 184 3.89 0.83 30.41
N VAL B 185 4.89 1.53 30.91
CA VAL B 185 5.40 1.26 32.25
C VAL B 185 4.85 2.23 33.28
N ASN B 186 4.41 1.71 34.42
CA ASN B 186 3.88 2.56 35.47
C ASN B 186 5.04 3.17 36.23
N ILE B 187 4.97 4.48 36.40
CA ILE B 187 6.01 5.22 37.07
C ILE B 187 6.20 4.95 38.58
N ASN B 188 5.25 4.27 39.22
CA ASN B 188 5.37 3.97 40.65
C ASN B 188 5.82 2.54 40.97
N SER B 189 5.65 1.62 40.02
CA SER B 189 6.04 0.23 40.27
C SER B 189 7.21 -0.22 39.41
N ASP B 190 7.49 0.52 38.35
CA ASP B 190 8.55 0.16 37.42
C ASP B 190 8.17 -1.14 36.73
N ASP B 191 6.88 -1.38 36.61
CA ASP B 191 6.39 -2.58 35.95
C ASP B 191 5.32 -2.20 34.94
N TRP B 192 5.00 -3.09 34.01
CA TRP B 192 3.99 -2.77 33.01
C TRP B 192 2.69 -2.36 33.67
N ASP B 193 2.03 -1.36 33.09
CA ASP B 193 0.78 -0.86 33.62
C ASP B 193 -0.41 -1.70 33.13
N GLU B 194 -1.06 -2.41 34.05
CA GLU B 194 -2.20 -3.25 33.69
C GLU B 194 -3.19 -2.51 32.80
N SER B 195 -3.74 -1.41 33.30
CA SER B 195 -4.73 -0.64 32.55
C SER B 195 -4.26 -0.19 31.16
N LEU B 196 -2.97 0.04 30.97
CA LEU B 196 -2.49 0.48 29.66
C LEU B 196 -2.30 -0.72 28.73
N LEU B 197 -1.84 -1.84 29.28
CA LEU B 197 -1.66 -3.03 28.48
C LEU B 197 -3.03 -3.55 28.09
N ALA B 198 -4.00 -3.34 28.98
CA ALA B 198 -5.38 -3.77 28.73
C ALA B 198 -5.94 -3.00 27.54
N TRP B 199 -5.77 -1.68 27.56
CA TRP B 199 -6.27 -0.88 26.46
C TRP B 199 -5.57 -1.25 25.16
N SER B 200 -4.26 -1.46 25.23
CA SER B 200 -3.46 -1.81 24.07
C SER B 200 -3.88 -3.14 23.42
N GLY B 201 -4.42 -4.03 24.24
CA GLY B 201 -4.84 -5.33 23.75
C GLY B 201 -3.72 -6.36 23.89
N ALA B 202 -2.53 -5.88 24.25
CA ALA B 202 -1.38 -6.76 24.43
C ALA B 202 -1.62 -7.65 25.65
N ASN B 203 -0.76 -8.65 25.83
CA ASN B 203 -0.88 -9.57 26.96
C ASN B 203 0.32 -9.35 27.88
N LYS B 204 0.11 -9.42 29.21
CA LYS B 204 1.24 -9.23 30.12
C LYS B 204 2.26 -10.35 29.99
N ALA B 205 1.78 -11.54 29.61
CA ALA B 205 2.66 -12.69 29.46
C ALA B 205 3.65 -12.43 28.32
N TRP B 206 3.36 -11.41 27.51
CA TRP B 206 4.23 -11.06 26.40
C TRP B 206 5.48 -10.34 26.87
N PHE B 207 5.46 -9.86 28.12
CA PHE B 207 6.58 -9.13 28.69
C PHE B 207 6.95 -9.64 30.07
N GLY B 208 8.14 -9.28 30.53
CA GLY B 208 8.59 -9.66 31.86
C GLY B 208 9.01 -8.40 32.60
N ARG B 209 8.97 -8.44 33.94
CA ARG B 209 9.37 -7.31 34.77
C ARG B 209 10.54 -6.52 34.17
N PRO B 210 10.35 -5.23 33.90
CA PRO B 210 11.47 -4.49 33.34
C PRO B 210 12.61 -4.57 34.36
N THR B 211 13.81 -4.91 33.90
CA THR B 211 14.95 -5.01 34.80
C THR B 211 15.98 -3.92 34.45
N HIS B 212 16.46 -3.23 35.48
CA HIS B 212 17.43 -2.18 35.27
C HIS B 212 18.69 -2.70 34.58
N PRO B 213 19.40 -1.82 33.87
CA PRO B 213 20.63 -2.07 33.12
C PRO B 213 21.81 -2.54 33.97
N GLY B 214 22.52 -3.54 33.47
CA GLY B 214 23.68 -4.06 34.18
C GLY B 214 23.71 -5.57 34.26
N ASN B 215 22.55 -6.19 34.05
CA ASN B 215 22.46 -7.63 34.12
C ASN B 215 23.01 -8.29 32.86
N VAL B 216 23.52 -9.51 33.03
CA VAL B 216 24.04 -10.28 31.91
C VAL B 216 22.82 -11.01 31.31
N ILE B 217 22.42 -10.63 30.11
CA ILE B 217 21.29 -11.28 29.45
C ILE B 217 21.64 -12.75 29.21
N GLY B 218 22.81 -12.97 28.64
CA GLY B 218 23.24 -14.32 28.35
C GLY B 218 24.62 -14.35 27.73
N HIS B 219 24.88 -15.37 26.91
CA HIS B 219 26.18 -15.50 26.28
C HIS B 219 26.16 -15.61 24.77
N TRP B 220 27.29 -15.26 24.17
CA TRP B 220 27.48 -15.38 22.73
C TRP B 220 28.75 -16.22 22.60
N ILE B 221 28.75 -17.11 21.62
CA ILE B 221 29.91 -17.97 21.39
C ILE B 221 30.64 -17.57 20.11
N CYS B 222 31.92 -17.24 20.23
CA CYS B 222 32.72 -16.85 19.06
C CYS B 222 33.06 -18.08 18.23
N PRO B 223 33.68 -17.88 17.05
CA PRO B 223 34.06 -18.99 16.17
C PRO B 223 34.60 -20.24 16.87
N GLN B 224 35.24 -20.07 18.02
CA GLN B 224 35.80 -21.20 18.74
C GLN B 224 34.83 -21.82 19.75
N GLY B 225 34.73 -21.21 20.94
CA GLY B 225 33.84 -21.75 21.95
C GLY B 225 33.85 -20.93 23.23
N ASN B 226 34.79 -19.99 23.32
CA ASN B 226 34.89 -19.14 24.49
C ASN B 226 33.59 -18.34 24.60
N GLU B 227 33.04 -18.29 25.80
CA GLU B 227 31.79 -17.59 26.04
C GLU B 227 31.95 -16.13 26.43
N ILE B 228 31.40 -15.25 25.60
CA ILE B 228 31.43 -13.80 25.83
C ILE B 228 30.07 -13.35 26.34
N PRO B 229 30.03 -12.78 27.55
CA PRO B 229 28.77 -12.29 28.13
C PRO B 229 28.11 -11.12 27.41
N VAL B 230 26.79 -11.18 27.27
CA VAL B 230 26.04 -10.10 26.64
C VAL B 230 25.28 -9.33 27.71
N VAL B 231 25.65 -8.08 27.89
CA VAL B 231 25.08 -7.21 28.91
C VAL B 231 23.94 -6.31 28.48
N ALA B 232 22.94 -6.16 29.36
CA ALA B 232 21.84 -5.25 29.09
C ALA B 232 22.36 -3.89 29.51
N VAL B 233 22.60 -2.99 28.55
CA VAL B 233 23.09 -1.67 28.91
C VAL B 233 21.88 -0.74 28.86
N ALA B 234 22.06 0.57 29.00
CA ALA B 234 20.89 1.42 28.88
C ALA B 234 20.63 1.31 27.38
N SER B 235 19.82 0.34 26.98
CA SER B 235 19.56 0.09 25.56
C SER B 235 19.00 1.23 24.72
N HIS B 236 18.26 2.14 25.33
CA HIS B 236 17.76 3.28 24.56
C HIS B 236 19.00 4.13 24.31
N ASP B 237 19.33 4.33 23.04
CA ASP B 237 20.52 5.09 22.66
C ASP B 237 20.64 6.44 23.38
N THR B 238 19.53 7.12 23.61
CA THR B 238 19.53 8.42 24.27
C THR B 238 19.82 8.32 25.77
N ALA B 239 19.51 7.18 26.35
CA ALA B 239 19.77 6.96 27.75
C ALA B 239 21.29 6.74 27.85
N SER B 240 21.87 6.03 26.86
CA SER B 240 23.31 5.80 26.85
C SER B 240 24.06 7.09 26.62
N ALA B 241 23.52 7.94 25.76
CA ALA B 241 24.15 9.23 25.44
C ALA B 241 24.28 10.11 26.68
N VAL B 242 23.21 10.18 27.47
CA VAL B 242 23.17 10.99 28.69
C VAL B 242 24.08 10.41 29.77
N ILE B 243 24.18 9.08 29.82
CA ILE B 243 25.06 8.47 30.81
C ILE B 243 26.48 9.02 30.57
N ALA B 244 26.89 9.10 29.30
CA ALA B 244 28.24 9.56 28.98
C ALA B 244 28.43 11.08 28.91
N SER B 245 27.35 11.82 29.16
CA SER B 245 27.42 13.28 29.18
C SER B 245 28.11 13.59 30.51
N PRO B 246 29.27 14.28 30.47
CA PRO B 246 30.01 14.61 31.69
C PRO B 246 29.36 15.61 32.62
N LEU B 247 28.16 15.27 33.09
CA LEU B 247 27.42 16.11 34.02
C LEU B 247 28.07 16.07 35.40
N ASN B 248 27.98 17.19 36.10
CA ASN B 248 28.53 17.31 37.43
C ASN B 248 27.70 18.33 38.17
N GLY B 249 26.78 17.84 39.00
CA GLY B 249 25.94 18.75 39.76
C GLY B 249 24.47 18.68 39.37
N SER B 250 23.68 19.51 40.04
CA SER B 250 22.26 19.57 39.77
C SER B 250 21.94 20.74 38.85
N ARG B 251 22.89 21.65 38.69
CA ARG B 251 22.69 22.82 37.85
C ARG B 251 23.13 22.61 36.39
N ALA B 252 23.36 21.36 36.00
CA ALA B 252 23.79 21.08 34.64
C ALA B 252 22.69 20.45 33.79
N ALA B 253 22.72 20.76 32.49
CA ALA B 253 21.74 20.21 31.57
C ALA B 253 22.45 19.57 30.38
N TYR B 254 21.73 18.77 29.61
CA TYR B 254 22.32 18.12 28.45
C TYR B 254 21.41 18.30 27.26
N LEU B 255 22.01 18.22 26.08
CA LEU B 255 21.29 18.35 24.82
C LEU B 255 21.90 17.29 23.91
N SER B 256 21.16 16.20 23.72
CA SER B 256 21.59 15.11 22.85
C SER B 256 21.39 15.64 21.43
N SER B 257 22.46 16.15 20.82
CA SER B 257 22.42 16.75 19.48
C SER B 257 22.58 15.79 18.30
N GLY B 258 21.52 15.65 17.51
CA GLY B 258 21.54 14.76 16.34
C GLY B 258 20.44 15.10 15.33
N THR B 259 20.08 14.14 14.48
CA THR B 259 19.04 14.35 13.48
C THR B 259 17.80 14.80 14.22
N TRP B 260 17.54 14.15 15.34
CA TRP B 260 16.45 14.51 16.22
C TRP B 260 17.24 14.86 17.48
N SER B 261 16.78 15.80 18.27
CA SER B 261 17.55 16.13 19.47
C SER B 261 16.72 16.12 20.74
N LEU B 262 17.43 16.14 21.86
CA LEU B 262 16.79 16.10 23.15
C LEU B 262 17.46 17.07 24.10
N MET B 263 16.67 17.63 25.00
CA MET B 263 17.18 18.57 25.98
C MET B 263 16.46 18.30 27.29
N GLY B 264 17.25 18.04 28.34
CA GLY B 264 16.65 17.80 29.63
C GLY B 264 17.68 17.79 30.74
N PHE B 265 17.28 17.27 31.89
CA PHE B 265 18.15 17.18 33.06
C PHE B 265 17.87 15.87 33.80
N GLU B 266 18.62 15.59 34.86
CA GLU B 266 18.44 14.38 35.64
C GLU B 266 17.68 14.72 36.92
N SER B 267 16.79 13.82 37.36
CA SER B 267 16.00 14.03 38.57
C SER B 267 15.69 12.73 39.31
N GLN B 268 15.54 12.82 40.62
CA GLN B 268 15.20 11.65 41.43
C GLN B 268 13.75 11.29 41.21
N THR B 269 12.91 12.29 40.98
CA THR B 269 11.51 12.01 40.76
C THR B 269 11.04 12.59 39.43
N PRO B 270 10.00 11.97 38.85
CA PRO B 270 9.48 12.46 37.57
C PRO B 270 8.51 13.63 37.76
N PHE B 271 8.26 14.36 36.68
CA PHE B 271 7.36 15.50 36.71
C PHE B 271 6.12 15.11 35.90
N THR B 272 5.01 14.92 36.60
CA THR B 272 3.77 14.53 35.94
C THR B 272 2.65 15.55 36.13
N ASN B 273 2.97 16.72 36.66
CA ASN B 273 1.96 17.75 36.85
C ASN B 273 1.50 18.32 35.50
N ASP B 274 0.41 19.06 35.51
CA ASP B 274 -0.12 19.64 34.27
C ASP B 274 0.83 20.58 33.55
N THR B 275 1.81 21.10 34.28
CA THR B 275 2.78 21.98 33.67
C THR B 275 3.67 21.14 32.77
N ALA B 276 4.15 20.02 33.31
CA ALA B 276 5.03 19.14 32.56
C ALA B 276 4.29 18.63 31.33
N LEU B 277 3.00 18.37 31.51
CA LEU B 277 2.13 17.85 30.46
C LEU B 277 1.94 18.83 29.29
N ALA B 278 1.70 20.10 29.61
CA ALA B 278 1.50 21.12 28.59
C ALA B 278 2.76 21.39 27.80
N ALA B 279 3.93 21.31 28.44
CA ALA B 279 5.19 21.56 27.78
C ALA B 279 5.76 20.37 26.99
N ASN B 280 4.97 19.33 26.81
CA ASN B 280 5.44 18.15 26.08
C ASN B 280 6.66 17.49 26.72
N ILE B 281 6.83 17.64 28.04
CA ILE B 281 7.99 17.05 28.68
C ILE B 281 7.79 15.55 28.87
N THR B 282 8.91 14.82 28.90
CA THR B 282 8.83 13.38 29.09
C THR B 282 9.79 12.97 30.22
N ASN B 283 9.38 11.93 30.96
CA ASN B 283 10.16 11.42 32.08
C ASN B 283 10.63 10.02 31.70
N GLU B 284 11.77 9.98 31.01
CA GLU B 284 12.35 8.72 30.56
C GLU B 284 13.18 8.07 31.66
N GLY B 285 13.23 6.75 31.63
CA GLY B 285 13.99 6.00 32.61
C GLY B 285 15.46 6.04 32.22
N GLY B 286 16.32 6.22 33.22
CA GLY B 286 17.75 6.24 32.98
C GLY B 286 18.41 5.29 33.96
N ALA B 287 19.74 5.28 34.01
CA ALA B 287 20.43 4.40 34.93
C ALA B 287 20.32 4.93 36.37
N GLU B 288 20.51 4.02 37.33
CA GLU B 288 20.47 4.33 38.75
C GLU B 288 19.13 4.88 39.23
N GLY B 289 18.07 4.58 38.50
CA GLY B 289 16.75 5.07 38.87
C GLY B 289 16.64 6.58 38.70
N ARG B 290 17.50 7.15 37.86
CA ARG B 290 17.48 8.59 37.64
C ARG B 290 16.72 8.92 36.35
N TYR B 291 15.65 9.71 36.49
CA TYR B 291 14.85 10.10 35.34
C TYR B 291 15.51 11.12 34.44
N ARG B 292 15.28 10.97 33.15
CA ARG B 292 15.79 11.91 32.17
C ARG B 292 14.59 12.79 31.81
N VAL B 293 14.40 13.86 32.57
CA VAL B 293 13.29 14.79 32.36
C VAL B 293 13.70 15.57 31.12
N LEU B 294 13.09 15.24 29.98
CA LEU B 294 13.50 15.89 28.74
C LEU B 294 12.38 16.31 27.80
N LYS B 295 12.79 16.87 26.67
CA LYS B 295 11.85 17.34 25.68
C LYS B 295 12.43 17.11 24.29
N ASN B 296 11.69 16.41 23.44
CA ASN B 296 12.13 16.13 22.08
C ASN B 296 12.19 17.42 21.28
N ILE B 297 13.34 17.65 20.65
CA ILE B 297 13.59 18.85 19.85
C ILE B 297 13.99 18.47 18.42
N MET B 298 13.66 19.34 17.47
CA MET B 298 13.93 19.11 16.04
C MET B 298 15.31 18.58 15.68
N GLY B 299 16.32 19.42 15.73
CA GLY B 299 17.65 18.93 15.37
C GLY B 299 18.12 19.30 13.97
N LEU B 300 19.24 18.70 13.57
CA LEU B 300 19.86 18.99 12.28
C LEU B 300 19.28 18.33 11.04
N TRP B 301 18.22 17.56 11.23
CA TRP B 301 17.54 16.92 10.12
C TRP B 301 17.16 18.01 9.09
N LEU B 302 16.92 19.21 9.62
CA LEU B 302 16.58 20.37 8.80
C LEU B 302 17.72 20.71 7.84
N LEU B 303 18.94 20.78 8.39
CA LEU B 303 20.14 21.10 7.61
C LEU B 303 20.49 19.96 6.68
N GLN B 304 20.23 18.74 7.13
CA GLN B 304 20.51 17.57 6.32
C GLN B 304 19.72 17.69 5.02
N ARG B 305 18.41 17.87 5.15
CA ARG B 305 17.53 17.98 3.99
C ARG B 305 17.96 19.11 3.08
N VAL B 306 18.48 20.19 3.67
CA VAL B 306 18.93 21.31 2.85
C VAL B 306 20.27 21.02 2.19
N LEU B 307 21.21 20.41 2.92
CA LEU B 307 22.50 20.10 2.34
C LEU B 307 22.26 19.18 1.17
N GLN B 308 21.23 18.35 1.32
CA GLN B 308 20.81 17.38 0.33
C GLN B 308 20.10 17.98 -0.91
N GLU B 309 19.16 18.89 -0.69
CA GLU B 309 18.41 19.52 -1.78
C GLU B 309 19.22 20.48 -2.66
N ARG B 310 20.18 21.17 -2.06
CA ARG B 310 20.99 22.12 -2.80
C ARG B 310 22.34 21.51 -3.21
N GLN B 311 22.46 20.20 -3.06
CA GLN B 311 23.69 19.48 -3.43
C GLN B 311 24.96 20.13 -2.84
N ILE B 312 24.94 20.43 -1.56
CA ILE B 312 26.08 21.06 -0.89
C ILE B 312 26.99 20.00 -0.29
N ASN B 313 28.22 19.92 -0.77
CA ASN B 313 29.16 18.92 -0.26
C ASN B 313 30.13 19.50 0.75
N ASP B 314 30.22 20.82 0.82
CA ASP B 314 31.14 21.46 1.78
C ASP B 314 30.44 22.01 3.01
N LEU B 315 30.29 21.19 4.05
CA LEU B 315 29.65 21.65 5.29
C LEU B 315 30.43 22.89 5.71
N PRO B 316 31.78 22.80 5.73
CA PRO B 316 32.57 23.99 6.12
C PRO B 316 32.36 24.96 4.95
N ALA B 317 32.92 26.15 5.01
CA ALA B 317 32.69 27.10 3.92
C ALA B 317 31.23 27.53 4.03
N LEU B 318 30.35 26.55 4.24
CA LEU B 318 28.95 26.85 4.42
C LEU B 318 28.85 27.53 5.78
N ILE B 319 29.41 26.90 6.81
CA ILE B 319 29.41 27.50 8.15
C ILE B 319 30.15 28.83 8.05
N ALA B 320 31.25 28.82 7.31
CA ALA B 320 32.04 30.03 7.12
C ALA B 320 31.23 31.13 6.46
N ALA B 321 30.43 30.77 5.46
CA ALA B 321 29.60 31.73 4.74
C ALA B 321 28.44 32.20 5.58
N THR B 322 27.88 31.31 6.40
CA THR B 322 26.75 31.65 7.26
C THR B 322 27.16 32.80 8.17
N GLN B 323 28.40 32.75 8.63
CA GLN B 323 28.92 33.76 9.54
C GLN B 323 29.11 35.17 8.99
N ALA B 324 29.09 35.32 7.67
CA ALA B 324 29.23 36.64 7.08
C ALA B 324 27.85 37.32 7.13
N LEU B 325 26.83 36.53 7.43
CA LEU B 325 25.45 36.99 7.51
C LEU B 325 25.00 37.33 8.93
N PRO B 326 24.24 38.42 9.09
CA PRO B 326 23.76 38.79 10.43
C PRO B 326 22.84 37.67 10.95
N ALA B 327 22.46 37.71 12.21
CA ALA B 327 21.61 36.65 12.72
C ALA B 327 20.23 37.11 13.17
N CYS B 328 19.34 36.13 13.32
CA CYS B 328 17.98 36.41 13.76
C CYS B 328 17.21 37.33 12.83
N ARG B 329 17.48 37.17 11.53
CA ARG B 329 16.84 37.93 10.49
C ARG B 329 15.75 37.00 9.97
N PHE B 330 16.07 35.71 9.98
CA PHE B 330 15.18 34.67 9.53
C PHE B 330 14.93 33.76 10.73
N ILE B 331 13.69 33.75 11.21
CA ILE B 331 13.31 32.96 12.37
C ILE B 331 12.09 32.10 12.06
N ILE B 332 12.20 30.82 12.37
CA ILE B 332 11.11 29.87 12.18
C ILE B 332 11.00 29.11 13.49
N ASN B 333 9.99 28.24 13.59
CA ASN B 333 9.85 27.41 14.79
C ASN B 333 10.15 25.96 14.36
N PRO B 334 11.36 25.48 14.68
CA PRO B 334 11.80 24.12 14.35
C PRO B 334 10.94 22.96 14.83
N ASN B 335 10.17 23.16 15.89
CA ASN B 335 9.32 22.09 16.42
C ASN B 335 7.92 22.05 15.81
N ASP B 336 7.65 22.90 14.83
CA ASP B 336 6.33 22.90 14.22
C ASP B 336 6.21 21.67 13.33
N ASP B 337 5.04 21.04 13.35
CA ASP B 337 4.81 19.83 12.56
C ASP B 337 5.10 19.99 11.06
N ARG B 338 4.97 21.21 10.56
CA ARG B 338 5.23 21.46 9.14
C ARG B 338 6.61 21.00 8.71
N PHE B 339 7.54 20.87 9.66
CA PHE B 339 8.90 20.46 9.32
C PHE B 339 9.20 18.97 9.53
N ILE B 340 8.21 18.20 9.96
CA ILE B 340 8.43 16.78 10.17
C ILE B 340 8.86 16.11 8.87
N ASN B 341 8.12 16.36 7.78
CA ASN B 341 8.46 15.74 6.51
C ASN B 341 7.80 16.36 5.25
N PRO B 342 8.20 17.58 4.85
CA PRO B 342 7.60 18.19 3.64
C PRO B 342 8.32 17.64 2.40
N ASP B 343 7.73 17.80 1.22
CA ASP B 343 8.38 17.30 0.02
C ASP B 343 9.64 18.11 -0.26
N GLU B 344 9.60 19.40 0.08
CA GLU B 344 10.72 20.33 -0.11
C GLU B 344 10.98 21.11 1.20
N MET B 345 12.03 20.74 1.93
CA MET B 345 12.36 21.42 3.19
C MET B 345 12.70 22.91 2.98
N CYS B 346 13.31 23.23 1.85
CA CYS B 346 13.66 24.62 1.52
C CYS B 346 12.42 25.47 1.28
N SER B 347 11.45 24.91 0.57
CA SER B 347 10.19 25.61 0.29
C SER B 347 9.38 25.86 1.58
N GLU B 348 9.47 24.93 2.51
CA GLU B 348 8.76 24.99 3.79
C GLU B 348 9.36 26.05 4.71
N ILE B 349 10.69 26.11 4.81
CA ILE B 349 11.35 27.13 5.64
C ILE B 349 10.91 28.50 5.08
N GLN B 350 11.03 28.63 3.76
CA GLN B 350 10.68 29.86 3.07
C GLN B 350 9.22 30.23 3.28
N ALA B 351 8.33 29.26 3.18
CA ALA B 351 6.92 29.55 3.38
C ALA B 351 6.73 30.11 4.78
N ALA B 352 7.35 29.45 5.76
CA ALA B 352 7.23 29.84 7.16
C ALA B 352 7.70 31.27 7.38
N CYS B 353 8.85 31.62 6.80
CA CYS B 353 9.38 32.96 6.98
C CYS B 353 8.43 34.02 6.42
N ARG B 354 7.76 33.72 5.32
CA ARG B 354 6.82 34.67 4.72
C ARG B 354 5.60 34.88 5.60
N GLU B 355 4.98 33.77 6.01
CA GLU B 355 3.80 33.83 6.85
C GLU B 355 4.01 34.81 8.01
N MET B 356 5.27 35.00 8.40
CA MET B 356 5.60 35.89 9.48
C MET B 356 6.27 37.19 9.00
N ALA B 357 5.72 37.73 7.91
CA ALA B 357 6.20 38.97 7.31
C ALA B 357 7.72 39.20 7.26
N GLN B 358 8.50 38.12 7.33
CA GLN B 358 9.96 38.23 7.29
C GLN B 358 10.54 38.17 5.86
N PRO B 359 11.80 38.59 5.68
CA PRO B 359 12.38 38.53 4.32
C PRO B 359 12.55 37.03 4.03
N ILE B 360 12.67 36.65 2.77
CA ILE B 360 12.83 35.22 2.47
C ILE B 360 14.29 34.80 2.28
N PRO B 361 14.73 33.76 3.02
CA PRO B 361 16.10 33.25 2.94
C PRO B 361 16.21 32.37 1.69
N GLU B 362 16.90 32.84 0.67
CA GLU B 362 17.01 32.06 -0.55
C GLU B 362 18.37 31.48 -0.90
N SER B 363 19.44 32.07 -0.37
CA SER B 363 20.78 31.54 -0.66
C SER B 363 21.04 30.36 0.28
N ASP B 364 22.14 29.64 0.05
CA ASP B 364 22.49 28.51 0.91
C ASP B 364 22.81 29.07 2.31
N ALA B 365 23.65 30.11 2.33
CA ALA B 365 24.07 30.74 3.56
C ALA B 365 22.89 31.21 4.39
N GLU B 366 21.92 31.85 3.74
CA GLU B 366 20.74 32.35 4.44
C GLU B 366 19.91 31.19 4.99
N LEU B 367 19.78 30.13 4.19
CA LEU B 367 19.02 28.97 4.64
C LEU B 367 19.69 28.39 5.87
N ALA B 368 21.02 28.29 5.83
CA ALA B 368 21.78 27.78 6.97
C ALA B 368 21.68 28.78 8.12
N ARG B 369 21.71 30.07 7.79
CA ARG B 369 21.61 31.11 8.82
C ARG B 369 20.25 31.00 9.56
N CYS B 370 19.21 30.72 8.81
CA CYS B 370 17.87 30.57 9.37
C CYS B 370 17.84 29.39 10.33
N ILE B 371 18.18 28.19 9.83
CA ILE B 371 18.21 26.96 10.62
C ILE B 371 18.91 27.15 11.97
N PHE B 372 20.17 27.59 11.91
CA PHE B 372 20.99 27.80 13.11
C PHE B 372 20.44 28.78 14.13
N ASP B 373 20.08 29.99 13.69
CA ASP B 373 19.54 30.98 14.63
C ASP B 373 18.26 30.46 15.27
N SER B 374 17.43 29.82 14.46
CA SER B 374 16.18 29.26 14.93
C SER B 374 16.38 28.15 15.96
N LEU B 375 17.35 27.27 15.71
CA LEU B 375 17.65 26.16 16.62
C LEU B 375 18.13 26.67 17.98
N ALA B 376 19.13 27.54 17.97
CA ALA B 376 19.66 28.11 19.20
C ALA B 376 18.50 28.77 19.97
N LEU B 377 17.67 29.51 19.25
CA LEU B 377 16.55 30.20 19.89
C LEU B 377 15.57 29.16 20.47
N LEU B 378 15.31 28.10 19.73
CA LEU B 378 14.42 27.06 20.23
C LEU B 378 15.07 26.43 21.46
N TYR B 379 16.36 26.13 21.35
CA TYR B 379 17.08 25.53 22.46
C TYR B 379 17.00 26.39 23.72
N ALA B 380 17.28 27.68 23.55
CA ALA B 380 17.24 28.63 24.64
C ALA B 380 15.85 28.70 25.28
N ASP B 381 14.82 28.57 24.46
CA ASP B 381 13.45 28.60 24.95
C ASP B 381 13.16 27.32 25.75
N VAL B 382 13.52 26.17 25.18
CA VAL B 382 13.31 24.90 25.84
C VAL B 382 14.07 24.84 27.17
N LEU B 383 15.32 25.27 27.17
CA LEU B 383 16.12 25.24 28.40
C LEU B 383 15.38 26.05 29.48
N HIS B 384 14.77 27.15 29.05
CA HIS B 384 14.01 28.04 29.91
C HIS B 384 12.77 27.35 30.47
N GLU B 385 12.17 26.48 29.67
CA GLU B 385 10.98 25.74 30.08
C GLU B 385 11.37 24.78 31.20
N LEU B 386 12.52 24.13 31.00
CA LEU B 386 13.06 23.16 31.93
C LEU B 386 13.46 23.77 33.27
N ALA B 387 14.00 24.99 33.24
CA ALA B 387 14.39 25.63 34.49
C ALA B 387 13.13 26.01 35.26
N GLN B 388 12.13 26.50 34.52
CA GLN B 388 10.88 26.89 35.13
C GLN B 388 10.19 25.65 35.73
N LEU B 389 10.38 24.50 35.12
CA LEU B 389 9.77 23.28 35.61
C LEU B 389 10.39 22.78 36.92
N ARG B 390 11.70 22.57 36.92
CA ARG B 390 12.40 22.07 38.09
C ARG B 390 12.49 23.14 39.17
N GLY B 391 12.31 24.40 38.76
CA GLY B 391 12.37 25.49 39.70
C GLY B 391 13.69 26.27 39.74
N GLU B 392 14.62 26.00 38.82
CA GLU B 392 15.87 26.75 38.87
C GLU B 392 16.80 26.65 37.66
N ASP B 393 17.33 27.82 37.29
CA ASP B 393 18.24 27.99 36.16
C ASP B 393 19.35 26.94 36.12
N PHE B 394 19.96 26.79 34.96
CA PHE B 394 21.06 25.85 34.80
C PHE B 394 22.32 26.68 34.71
N SER B 395 23.45 26.08 35.07
CA SER B 395 24.72 26.78 35.05
C SER B 395 25.57 26.33 33.87
N GLN B 396 25.30 25.13 33.38
CA GLN B 396 26.06 24.59 32.26
C GLN B 396 25.21 23.75 31.31
N LEU B 397 25.55 23.81 30.03
CA LEU B 397 24.85 23.03 29.03
C LEU B 397 25.83 22.09 28.35
N HIS B 398 25.57 20.80 28.42
CA HIS B 398 26.41 19.78 27.81
C HIS B 398 25.83 19.37 26.46
N ILE B 399 26.60 19.50 25.39
CA ILE B 399 26.11 19.09 24.08
C ILE B 399 26.88 17.85 23.64
N VAL B 400 26.16 16.75 23.37
CA VAL B 400 26.82 15.52 22.97
C VAL B 400 26.19 14.92 21.71
N GLY B 401 26.93 14.06 21.03
CA GLY B 401 26.43 13.45 19.81
C GLY B 401 27.00 14.10 18.56
N GLY B 402 26.63 13.60 17.39
CA GLY B 402 27.12 14.14 16.14
C GLY B 402 27.05 15.65 16.00
N GLY B 403 26.00 16.25 16.57
CA GLY B 403 25.82 17.69 16.48
C GLY B 403 26.69 18.59 17.34
N CYS B 404 27.43 18.03 18.29
CA CYS B 404 28.28 18.84 19.17
C CYS B 404 29.56 19.27 18.45
N GLN B 405 29.71 18.82 17.21
CA GLN B 405 30.87 19.15 16.40
C GLN B 405 30.72 20.50 15.69
N ASN B 406 29.48 20.92 15.49
CA ASN B 406 29.21 22.21 14.84
C ASN B 406 29.53 23.34 15.83
N THR B 407 30.72 23.91 15.75
CA THR B 407 31.10 24.99 16.67
C THR B 407 30.27 26.26 16.48
N LEU B 408 29.72 26.48 15.29
CA LEU B 408 28.90 27.66 15.07
C LEU B 408 27.60 27.50 15.86
N LEU B 409 27.04 26.30 15.84
CA LEU B 409 25.82 26.08 16.58
C LEU B 409 26.13 26.11 18.08
N ASN B 410 27.27 25.54 18.47
CA ASN B 410 27.65 25.53 19.88
C ASN B 410 27.85 26.92 20.50
N GLN B 411 28.38 27.87 19.71
CA GLN B 411 28.59 29.21 20.22
C GLN B 411 27.30 29.98 20.21
N LEU B 412 26.38 29.60 19.32
CA LEU B 412 25.11 30.28 19.26
C LEU B 412 24.23 29.88 20.44
N CYS B 413 24.28 28.60 20.82
CA CYS B 413 23.47 28.13 21.95
C CYS B 413 23.92 28.81 23.22
N ALA B 414 25.23 28.95 23.39
CA ALA B 414 25.82 29.61 24.57
C ALA B 414 25.38 31.07 24.63
N ASP B 415 25.48 31.77 23.51
CA ASP B 415 25.11 33.18 23.44
C ASP B 415 23.61 33.34 23.65
N ALA B 416 22.83 32.40 23.10
CA ALA B 416 21.38 32.48 23.21
C ALA B 416 20.87 32.07 24.58
N CYS B 417 21.57 31.12 25.21
CA CYS B 417 21.17 30.63 26.52
C CYS B 417 21.81 31.43 27.66
N GLY B 418 22.84 32.21 27.32
CA GLY B 418 23.52 32.99 28.33
C GLY B 418 24.13 32.00 29.28
N ILE B 419 24.33 30.80 28.80
CA ILE B 419 24.88 29.74 29.60
C ILE B 419 26.13 29.14 28.97
N ARG B 420 27.07 28.72 29.81
CA ARG B 420 28.30 28.09 29.33
C ARG B 420 27.96 26.73 28.72
N VAL B 421 28.61 26.43 27.59
CA VAL B 421 28.39 25.18 26.86
C VAL B 421 29.64 24.33 26.77
N ILE B 422 29.53 23.07 27.19
CA ILE B 422 30.62 22.13 27.10
C ILE B 422 30.21 21.10 26.05
N ALA B 423 30.97 21.03 24.96
CA ALA B 423 30.66 20.11 23.87
C ALA B 423 31.43 18.81 23.99
N GLY B 424 30.73 17.69 23.79
CA GLY B 424 31.40 16.42 23.86
C GLY B 424 30.87 15.49 24.93
N PRO B 425 31.07 14.18 24.78
CA PRO B 425 31.76 13.62 23.62
C PRO B 425 30.82 13.41 22.42
N VAL B 426 31.40 13.18 21.24
CA VAL B 426 30.64 12.95 20.01
C VAL B 426 30.09 11.54 19.96
N GLU B 427 30.82 10.59 20.51
CA GLU B 427 30.38 9.20 20.53
C GLU B 427 29.65 8.93 21.84
N ALA B 428 28.68 9.78 22.16
CA ALA B 428 27.96 9.67 23.42
C ALA B 428 27.22 8.33 23.62
N SER B 429 26.43 7.92 22.63
CA SER B 429 25.68 6.66 22.73
C SER B 429 26.59 5.45 22.93
N THR B 430 27.66 5.38 22.15
CA THR B 430 28.59 4.27 22.24
C THR B 430 29.36 4.26 23.56
N LEU B 431 29.73 5.45 24.02
CA LEU B 431 30.46 5.56 25.28
C LEU B 431 29.60 5.16 26.46
N GLY B 432 28.34 5.55 26.46
CA GLY B 432 27.44 5.19 27.54
C GLY B 432 27.24 3.68 27.58
N ASN B 433 27.12 3.07 26.39
CA ASN B 433 26.96 1.63 26.23
C ASN B 433 28.11 0.94 26.96
N ILE B 434 29.33 1.35 26.63
CA ILE B 434 30.52 0.78 27.24
C ILE B 434 30.57 1.03 28.76
N GLY B 435 30.23 2.25 29.17
CA GLY B 435 30.24 2.59 30.58
C GLY B 435 29.46 1.59 31.42
N ILE B 436 28.25 1.27 31.01
CA ILE B 436 27.46 0.31 31.75
C ILE B 436 28.12 -1.06 31.76
N GLN B 437 28.75 -1.45 30.64
CA GLN B 437 29.43 -2.73 30.57
C GLN B 437 30.53 -2.78 31.62
N LEU B 438 31.34 -1.72 31.66
CA LEU B 438 32.44 -1.61 32.62
C LEU B 438 31.98 -1.66 34.09
N MET B 439 30.77 -1.21 34.36
CA MET B 439 30.23 -1.22 35.71
C MET B 439 29.87 -2.66 36.08
N THR B 440 29.54 -3.45 35.06
CA THR B 440 29.17 -4.85 35.23
C THR B 440 30.42 -5.73 35.33
N LEU B 441 31.51 -5.27 34.72
CA LEU B 441 32.77 -5.99 34.76
C LEU B 441 33.48 -5.59 36.05
N ASP B 442 32.93 -4.63 36.77
CA ASP B 442 33.52 -4.18 38.04
C ASP B 442 34.78 -3.31 37.86
N GLU B 443 34.85 -2.59 36.75
CA GLU B 443 35.98 -1.69 36.46
C GLU B 443 35.69 -0.28 36.97
N LEU B 444 34.42 0.09 37.00
CA LEU B 444 33.98 1.42 37.48
C LEU B 444 32.84 1.20 38.49
N ASN B 445 32.71 2.08 39.49
CA ASN B 445 31.68 1.92 40.52
C ASN B 445 30.29 2.48 40.20
N ASN B 446 30.21 3.52 39.37
CA ASN B 446 28.92 4.11 39.04
C ASN B 446 28.97 5.09 37.88
N VAL B 447 27.85 5.73 37.59
CA VAL B 447 27.81 6.68 36.47
C VAL B 447 28.77 7.85 36.68
N ASP B 448 28.69 8.53 37.81
CA ASP B 448 29.57 9.65 38.09
C ASP B 448 31.05 9.22 37.91
N ASP B 449 31.37 8.00 38.32
CA ASP B 449 32.73 7.48 38.19
C ASP B 449 33.04 7.43 36.69
N PHE B 450 32.11 6.91 35.89
CA PHE B 450 32.33 6.85 34.46
C PHE B 450 32.41 8.26 33.85
N ARG B 451 31.49 9.14 34.25
CA ARG B 451 31.52 10.50 33.73
C ARG B 451 32.86 11.19 34.01
N GLN B 452 33.49 10.86 35.12
CA GLN B 452 34.78 11.46 35.45
C GLN B 452 35.80 10.95 34.46
N VAL B 453 35.72 9.66 34.15
CA VAL B 453 36.63 9.06 33.17
C VAL B 453 36.49 9.87 31.89
N VAL B 454 35.24 10.05 31.47
CA VAL B 454 34.89 10.81 30.27
C VAL B 454 35.38 12.26 30.29
N SER B 455 35.13 12.96 31.39
CA SER B 455 35.57 14.35 31.48
C SER B 455 37.08 14.49 31.31
N THR B 456 37.83 13.43 31.61
CA THR B 456 39.29 13.49 31.44
C THR B 456 39.73 12.76 30.17
N THR B 457 38.95 11.78 29.76
CA THR B 457 39.26 10.98 28.58
C THR B 457 38.93 11.71 27.28
N ALA B 458 37.72 12.21 27.19
CA ALA B 458 37.26 12.92 26.00
C ALA B 458 37.69 14.39 26.00
N ASN B 459 38.14 14.90 24.87
CA ASN B 459 38.53 16.31 24.83
C ASN B 459 37.25 17.12 24.73
N LEU B 460 36.82 17.68 25.87
CA LEU B 460 35.61 18.48 25.93
C LEU B 460 35.95 19.92 25.54
N THR B 461 35.00 20.61 24.94
CA THR B 461 35.20 21.99 24.51
C THR B 461 34.24 22.97 25.17
N THR B 462 34.79 23.96 25.87
CA THR B 462 33.95 24.97 26.51
C THR B 462 33.70 26.14 25.59
N PHE B 463 32.44 26.51 25.48
CA PHE B 463 32.03 27.66 24.66
C PHE B 463 31.41 28.63 25.65
N THR B 464 32.00 29.82 25.74
CA THR B 464 31.51 30.83 26.67
C THR B 464 30.46 31.76 26.08
N PRO B 465 29.45 32.13 26.88
CA PRO B 465 28.42 33.03 26.34
C PRO B 465 29.05 34.40 26.00
N ASN B 466 28.56 35.00 24.93
CA ASN B 466 29.03 36.30 24.46
C ASN B 466 27.86 37.27 24.42
N PRO B 467 27.74 38.15 25.43
CA PRO B 467 26.67 39.14 25.55
C PRO B 467 26.68 40.18 24.42
N ASP B 468 27.78 40.26 23.67
CA ASP B 468 27.86 41.19 22.55
C ASP B 468 27.55 40.53 21.20
N SER B 469 27.01 39.32 21.27
CA SER B 469 26.66 38.58 20.07
C SER B 469 25.32 39.08 19.54
N GLU B 470 25.12 39.00 18.23
CA GLU B 470 23.87 39.45 17.63
C GLU B 470 22.70 38.69 18.23
N ILE B 471 22.83 37.36 18.32
CA ILE B 471 21.74 36.55 18.87
C ILE B 471 21.49 36.89 20.34
N ALA B 472 22.54 37.26 21.07
CA ALA B 472 22.38 37.64 22.47
C ALA B 472 21.54 38.93 22.53
N HIS B 473 21.91 39.91 21.73
CA HIS B 473 21.18 41.19 21.68
C HIS B 473 19.71 40.90 21.41
N TYR B 474 19.47 40.09 20.37
CA TYR B 474 18.12 39.71 19.96
C TYR B 474 17.28 39.21 21.13
N VAL B 475 17.76 38.18 21.81
CA VAL B 475 17.06 37.62 22.96
C VAL B 475 16.76 38.72 23.98
N ALA B 476 17.79 39.48 24.33
CA ALA B 476 17.67 40.56 25.29
C ALA B 476 16.55 41.55 24.98
N LEU B 477 16.45 42.00 23.73
CA LEU B 477 15.41 42.97 23.36
C LEU B 477 14.01 42.40 23.20
N ILE B 478 13.89 41.10 22.96
CA ILE B 478 12.55 40.52 22.85
C ILE B 478 12.15 39.98 24.22
N HIS B 479 12.86 40.44 25.24
CA HIS B 479 12.61 40.03 26.62
C HIS B 479 12.57 41.27 27.51
N SER B 480 12.25 42.37 26.99
#